data_8DQL
#
_entry.id   8DQL
#
_cell.length_a   1.00
_cell.length_b   1.00
_cell.length_c   1.00
_cell.angle_alpha   90.00
_cell.angle_beta   90.00
_cell.angle_gamma   90.00
#
_symmetry.space_group_name_H-M   'P 1'
#
_entity_poly.entity_id   1
_entity_poly.type   'polypeptide(L)'
_entity_poly.pdbx_seq_one_letter_code
;MDYKDHDGDYKDHDIDYKDDDDKELMFLERIYWEDGLRLDSDILDKSNLSVLERLSTASYLPANLNKGIVSFDLDVESLQ
TGLILIKDLKLYLDEKNFVFYDKSYPLSLQIMTDKLSDEIPLFLNIREKVIEKNGVKYIYNQLSLSLEHSYGFKHSIQIA
LFRLDRGRLVPEIYDFPLLTLNHYYLGDIFVKLNRTVSELKSFNRFVFSASRSYASILLVFLINKLERELKFAESNRANS
SPKQIFDLIDDIYSLIQLNLDKVEELDSIEFDFQKPLTKLNLLADRLLTLCEYRKINNFIRFELHGKKYICESFPEEFFV
ATRYYLFLKRKATAPANVRFENKNALRITSISRNKNIVTLSLSGVKLVDVECSMINFTTRFDNIDAIYEIQKGSEWDFIL
ADSSAVFTAFEGSENFDFFIAFS
;
_entity_poly.pdbx_strand_id   C,A,B
#
# COMPACT_ATOMS: atom_id res chain seq x y z
N MET A 26 12.29 0.26 24.78
CA MET A 26 11.20 0.34 25.75
C MET A 26 10.01 1.06 25.14
N PHE A 27 8.84 0.43 25.20
CA PHE A 27 7.63 0.93 24.56
C PHE A 27 6.69 1.44 25.63
N LEU A 28 6.58 2.77 25.74
CA LEU A 28 6.01 3.43 26.91
C LEU A 28 4.50 3.64 26.85
N GLU A 29 3.84 3.28 25.74
CA GLU A 29 2.38 3.43 25.60
C GLU A 29 2.02 4.90 25.84
N ARG A 30 1.19 5.23 26.83
CA ARG A 30 0.82 6.59 27.13
C ARG A 30 1.24 6.96 28.54
N ILE A 31 1.19 8.26 28.84
CA ILE A 31 1.59 8.75 30.15
C ILE A 31 0.50 8.44 31.18
N TYR A 32 0.90 8.37 32.44
CA TYR A 32 -0.01 8.07 33.55
C TYR A 32 -0.36 9.37 34.26
N TRP A 33 -1.64 9.76 34.15
CA TRP A 33 -2.11 11.01 34.74
C TRP A 33 -2.86 10.80 36.05
N GLU A 34 -3.35 9.59 36.32
CA GLU A 34 -4.29 9.37 37.40
C GLU A 34 -3.71 9.67 38.78
N ASP A 35 -2.38 9.73 38.90
CA ASP A 35 -1.77 10.02 40.21
C ASP A 35 -2.14 11.41 40.71
N GLY A 36 -2.15 12.41 39.82
CA GLY A 36 -2.41 13.76 40.22
C GLY A 36 -1.16 14.46 40.72
N LEU A 37 -0.85 15.63 40.16
CA LEU A 37 0.35 16.35 40.52
C LEU A 37 0.20 17.79 40.02
N ARG A 38 1.01 18.68 40.59
CA ARG A 38 0.98 20.08 40.18
C ARG A 38 1.33 20.19 38.70
N LEU A 39 0.41 20.74 37.92
CA LEU A 39 0.54 20.78 36.47
C LEU A 39 1.62 21.79 36.09
N ASP A 40 2.81 21.28 35.76
CA ASP A 40 3.89 22.09 35.24
C ASP A 40 4.06 21.88 33.75
N SER A 41 4.91 22.70 33.14
CA SER A 41 5.14 22.59 31.70
C SER A 41 5.84 21.29 31.34
N ASP A 42 6.70 20.78 32.23
CA ASP A 42 7.47 19.59 31.92
C ASP A 42 6.57 18.38 31.67
N ILE A 43 5.55 18.20 32.51
CA ILE A 43 4.68 17.04 32.38
C ILE A 43 3.86 17.13 31.09
N LEU A 44 3.41 18.34 30.74
CA LEU A 44 2.64 18.51 29.52
C LEU A 44 3.50 18.25 28.29
N ASP A 45 4.73 18.76 28.28
CA ASP A 45 5.63 18.51 27.16
C ASP A 45 5.94 17.02 27.04
N LYS A 46 6.16 16.35 28.18
CA LYS A 46 6.44 14.92 28.16
C LYS A 46 5.24 14.14 27.64
N SER A 47 4.03 14.53 28.04
CA SER A 47 2.83 13.86 27.55
C SER A 47 2.68 14.03 26.05
N ASN A 48 2.89 15.24 25.54
CA ASN A 48 2.79 15.48 24.10
C ASN A 48 3.84 14.67 23.35
N LEU A 49 5.06 14.64 23.86
CA LEU A 49 6.13 13.89 23.20
C LEU A 49 5.81 12.39 23.19
N SER A 50 5.31 11.87 24.30
CA SER A 50 4.98 10.45 24.36
C SER A 50 3.85 10.10 23.39
N VAL A 51 2.83 10.96 23.31
CA VAL A 51 1.72 10.71 22.39
C VAL A 51 2.23 10.71 20.95
N LEU A 52 3.06 11.70 20.61
CA LEU A 52 3.60 11.77 19.26
C LEU A 52 4.45 10.55 18.93
N GLU A 53 5.31 10.13 19.86
CA GLU A 53 6.16 8.97 19.62
C GLU A 53 5.32 7.70 19.45
N ARG A 54 4.32 7.51 20.31
CA ARG A 54 3.46 6.34 20.21
C ARG A 54 2.74 6.28 18.86
N LEU A 55 2.13 7.40 18.46
CA LEU A 55 1.36 7.37 17.22
C LEU A 55 2.25 7.29 15.99
N SER A 56 3.46 7.84 16.07
CA SER A 56 4.40 7.69 14.95
C SER A 56 4.89 6.26 14.84
N THR A 57 5.13 5.60 15.98
CA THR A 57 5.54 4.20 15.95
C THR A 57 4.43 3.31 15.38
N ALA A 58 3.18 3.59 15.76
CA ALA A 58 2.07 2.77 15.28
C ALA A 58 1.80 2.94 13.79
N SER A 59 2.36 3.96 13.16
CA SER A 59 2.07 4.25 11.75
C SER A 59 2.69 3.18 10.85
N TYR A 60 2.17 3.10 9.63
CA TYR A 60 2.57 2.09 8.67
C TYR A 60 2.95 2.75 7.35
N LEU A 61 3.95 2.18 6.68
CA LEU A 61 4.44 2.66 5.40
C LEU A 61 4.45 1.52 4.40
N PRO A 62 4.35 1.82 3.10
CA PRO A 62 4.28 0.75 2.11
C PRO A 62 5.52 -0.13 2.13
N ALA A 63 5.31 -1.43 1.92
CA ALA A 63 6.35 -2.45 1.96
C ALA A 63 7.05 -2.52 3.31
N ASN A 64 6.40 -2.00 4.36
CA ASN A 64 6.93 -2.03 5.73
C ASN A 64 8.32 -1.42 5.80
N LEU A 65 8.43 -0.19 5.31
CA LEU A 65 9.69 0.54 5.31
C LEU A 65 9.76 1.47 6.52
N ASN A 66 10.99 1.69 7.01
CA ASN A 66 11.21 2.58 8.14
C ASN A 66 11.60 3.99 7.72
N LYS A 67 12.03 4.18 6.48
CA LYS A 67 12.43 5.50 5.99
C LYS A 67 12.30 5.51 4.48
N GLY A 68 12.20 6.70 3.92
CA GLY A 68 12.10 6.84 2.48
C GLY A 68 11.94 8.29 2.09
N ILE A 69 11.98 8.52 0.78
CA ILE A 69 11.84 9.84 0.18
C ILE A 69 10.57 9.84 -0.65
N VAL A 70 9.69 10.80 -0.40
CA VAL A 70 8.41 10.86 -1.07
C VAL A 70 8.43 11.95 -2.15
N SER A 71 9.23 12.98 -1.95
CA SER A 71 9.41 14.01 -2.97
C SER A 71 10.68 14.78 -2.71
N PHE A 72 11.50 14.96 -3.76
CA PHE A 72 12.76 15.69 -3.64
C PHE A 72 13.14 16.21 -5.01
N ASP A 73 13.01 17.53 -5.21
CA ASP A 73 13.33 18.16 -6.49
C ASP A 73 14.17 19.39 -6.24
N LEU A 74 15.08 19.67 -7.18
CA LEU A 74 15.99 20.80 -7.08
C LEU A 74 16.05 21.53 -8.41
N ASP A 75 16.36 22.82 -8.34
CA ASP A 75 16.47 23.64 -9.54
C ASP A 75 17.72 23.28 -10.33
N VAL A 76 17.59 23.27 -11.65
CA VAL A 76 18.70 22.96 -12.53
C VAL A 76 18.92 24.07 -13.56
N LEU A 83 25.68 26.25 -7.63
CA LEU A 83 24.59 26.54 -6.71
C LEU A 83 23.55 25.43 -6.73
N ILE A 84 23.17 24.96 -5.54
CA ILE A 84 22.15 23.94 -5.38
C ILE A 84 20.96 24.60 -4.70
N LEU A 85 19.83 24.67 -5.40
CA LEU A 85 18.62 25.28 -4.88
C LEU A 85 17.54 24.20 -4.75
N ILE A 86 16.92 24.13 -3.58
CA ILE A 86 15.93 23.11 -3.27
C ILE A 86 14.54 23.70 -3.47
N LYS A 87 13.73 23.03 -4.29
CA LYS A 87 12.34 23.43 -4.53
C LYS A 87 11.35 22.64 -3.69
N ASP A 88 11.42 21.31 -3.76
CA ASP A 88 10.53 20.43 -3.00
C ASP A 88 11.35 19.44 -2.19
N LEU A 89 11.03 19.31 -0.92
CA LEU A 89 11.73 18.39 -0.03
C LEU A 89 10.72 17.75 0.91
N LYS A 90 10.61 16.42 0.84
CA LYS A 90 9.67 15.67 1.68
C LYS A 90 10.18 14.24 1.76
N LEU A 91 10.43 13.76 2.97
CA LEU A 91 11.01 12.44 3.14
C LEU A 91 10.73 11.94 4.56
N TYR A 92 10.93 10.64 4.74
CA TYR A 92 10.83 9.99 6.04
C TYR A 92 12.22 9.60 6.50
N LEU A 93 12.62 10.08 7.68
CA LEU A 93 13.90 9.72 8.25
C LEU A 93 13.80 8.36 8.93
N ASP A 94 14.90 7.95 9.57
CA ASP A 94 14.92 6.67 10.26
C ASP A 94 13.94 6.69 11.43
N GLU A 95 13.39 5.51 11.73
CA GLU A 95 12.35 5.34 12.75
C GLU A 95 11.09 6.16 12.42
N LYS A 96 10.80 6.28 11.13
CA LYS A 96 9.58 6.93 10.64
C LYS A 96 9.46 8.37 11.16
N ASN A 97 10.52 9.14 10.97
CA ASN A 97 10.51 10.56 11.31
C ASN A 97 10.16 11.37 10.07
N PHE A 98 9.18 12.24 10.19
CA PHE A 98 8.63 12.98 9.06
C PHE A 98 9.27 14.36 8.99
N VAL A 99 9.79 14.71 7.80
CA VAL A 99 10.43 15.99 7.56
C VAL A 99 9.74 16.66 6.39
N PHE A 100 9.28 17.89 6.59
CA PHE A 100 8.59 18.66 5.56
C PHE A 100 9.27 20.02 5.42
N TYR A 101 9.39 20.50 4.19
CA TYR A 101 10.06 21.76 3.89
C TYR A 101 9.02 22.80 3.51
N ASP A 102 8.95 23.86 4.30
CA ASP A 102 8.10 25.00 3.98
C ASP A 102 8.82 25.93 3.01
N LYS A 103 8.07 26.47 2.05
CA LYS A 103 8.63 27.39 1.07
C LYS A 103 8.81 28.80 1.61
N SER A 104 8.74 28.98 2.92
CA SER A 104 8.87 30.33 3.49
C SER A 104 10.28 30.88 3.32
N TYR A 105 11.29 30.04 3.47
CA TYR A 105 12.66 30.53 3.37
C TYR A 105 13.45 29.75 2.32
N PRO A 106 14.45 30.37 1.70
CA PRO A 106 15.26 29.66 0.71
C PRO A 106 16.13 28.60 1.35
N LEU A 107 16.47 27.58 0.55
CA LEU A 107 17.30 26.45 0.99
C LEU A 107 18.37 26.23 -0.08
N SER A 108 19.53 26.85 0.11
CA SER A 108 20.62 26.77 -0.85
C SER A 108 21.95 26.65 -0.11
N LEU A 109 22.97 26.21 -0.84
CA LEU A 109 24.30 26.01 -0.27
C LEU A 109 25.37 26.88 -0.90
N GLN A 110 25.39 27.01 -2.23
CA GLN A 110 26.28 27.91 -2.95
C GLN A 110 27.76 27.57 -2.66
N ILE A 111 28.15 26.38 -3.12
CA ILE A 111 29.54 25.97 -2.98
C ILE A 111 30.43 26.82 -3.88
N MET A 112 31.72 26.84 -3.56
CA MET A 112 32.71 27.58 -4.34
C MET A 112 33.98 26.76 -4.45
N THR A 113 34.76 27.05 -5.49
CA THR A 113 36.01 26.35 -5.73
C THR A 113 37.10 27.32 -6.16
N GLU A 119 33.40 14.54 -5.95
CA GLU A 119 32.89 13.85 -4.77
C GLU A 119 32.56 14.84 -3.67
N ILE A 120 31.39 15.45 -3.75
CA ILE A 120 30.94 16.46 -2.81
C ILE A 120 29.66 15.95 -2.15
N PRO A 121 29.75 15.43 -0.93
CA PRO A 121 28.54 14.99 -0.23
C PRO A 121 27.67 16.17 0.17
N LEU A 122 26.37 15.92 0.25
CA LEU A 122 25.38 16.90 0.67
C LEU A 122 24.68 16.39 1.91
N PHE A 123 24.55 17.25 2.92
CA PHE A 123 23.97 16.87 4.20
C PHE A 123 22.78 17.77 4.52
N LEU A 124 21.85 17.22 5.31
CA LEU A 124 20.67 17.95 5.77
C LEU A 124 20.74 18.12 7.28
N ASN A 125 20.61 19.36 7.73
CA ASN A 125 20.68 19.68 9.15
C ASN A 125 19.32 20.15 9.63
N ILE A 126 18.88 19.63 10.78
CA ILE A 126 17.61 20.00 11.39
C ILE A 126 17.90 20.56 12.76
N ARG A 127 17.54 21.82 12.99
CA ARG A 127 17.68 22.47 14.28
C ARG A 127 16.33 23.04 14.69
N GLU A 128 15.92 22.74 15.93
CA GLU A 128 14.65 23.22 16.44
C GLU A 128 14.82 24.59 17.08
N LYS A 129 13.79 25.42 16.95
CA LYS A 129 13.82 26.76 17.50
C LYS A 129 12.40 27.20 17.84
N VAL A 130 12.29 28.20 18.69
CA VAL A 130 11.01 28.68 19.20
C VAL A 130 10.60 29.91 18.41
N ILE A 131 9.38 29.87 17.86
CA ILE A 131 8.79 31.00 17.17
C ILE A 131 7.43 31.28 17.78
N GLU A 132 6.95 32.51 17.61
CA GLU A 132 5.66 32.93 18.12
C GLU A 132 4.75 33.32 16.97
N LYS A 133 3.52 32.81 16.99
CA LYS A 133 2.52 33.11 15.98
C LYS A 133 1.25 33.55 16.70
N ASN A 134 0.67 34.66 16.24
CA ASN A 134 -0.51 35.34 16.76
C ASN A 134 -0.62 35.22 18.28
N GLY A 135 0.47 35.50 18.98
CA GLY A 135 0.47 35.52 20.43
C GLY A 135 0.68 34.18 21.11
N VAL A 136 0.92 33.11 20.34
CA VAL A 136 1.09 31.77 20.89
C VAL A 136 2.47 31.25 20.49
N LYS A 137 3.22 30.77 21.47
CA LYS A 137 4.53 30.20 21.19
C LYS A 137 4.40 28.81 20.58
N TYR A 138 5.38 28.45 19.75
CA TYR A 138 5.37 27.18 19.05
C TYR A 138 6.80 26.66 18.94
N ILE A 139 6.94 25.46 18.39
CA ILE A 139 8.23 24.83 18.14
C ILE A 139 8.37 24.63 16.64
N TYR A 140 9.47 25.12 16.08
CA TYR A 140 9.70 25.06 14.65
C TYR A 140 10.94 24.24 14.34
N ASN A 141 10.97 23.65 13.15
CA ASN A 141 12.12 22.91 12.65
C ASN A 141 12.74 23.68 11.49
N GLN A 142 14.02 23.97 11.60
CA GLN A 142 14.75 24.72 10.57
C GLN A 142 15.67 23.80 9.82
N LEU A 143 15.61 23.85 8.49
CA LEU A 143 16.42 23.01 7.63
C LEU A 143 17.61 23.79 7.10
N SER A 144 18.72 23.10 6.88
CA SER A 144 19.94 23.71 6.40
C SER A 144 20.74 22.69 5.61
N LEU A 145 21.68 23.19 4.81
CA LEU A 145 22.57 22.36 4.01
C LEU A 145 24.01 22.61 4.41
N SER A 146 24.80 21.54 4.49
CA SER A 146 26.20 21.63 4.87
C SER A 146 27.02 20.68 4.00
N LEU A 147 28.33 20.94 3.96
CA LEU A 147 29.21 20.11 3.14
C LEU A 147 29.52 18.78 3.80
N GLU A 148 29.63 18.74 5.13
CA GLU A 148 29.99 17.52 5.85
C GLU A 148 29.09 17.39 7.07
N HIS A 149 29.27 16.28 7.79
CA HIS A 149 28.51 16.04 9.01
C HIS A 149 28.86 17.07 10.07
N SER A 150 27.85 17.45 10.86
CA SER A 150 28.03 18.44 11.90
C SER A 150 27.40 17.94 13.20
N TYR A 151 27.94 18.43 14.32
CA TYR A 151 27.42 18.11 15.64
C TYR A 151 26.58 19.29 16.16
N GLY A 152 25.95 19.06 17.32
CA GLY A 152 25.10 20.07 17.88
C GLY A 152 23.77 20.25 17.18
N PHE A 153 23.35 19.25 16.41
CA PHE A 153 22.09 19.29 15.67
C PHE A 153 21.25 18.08 16.03
N LYS A 154 19.92 18.24 15.92
CA LYS A 154 19.02 17.13 16.19
C LYS A 154 19.23 16.01 15.20
N HIS A 155 19.42 16.34 13.93
CA HIS A 155 19.65 15.35 12.89
C HIS A 155 20.68 15.88 11.90
N SER A 156 21.48 14.97 11.36
CA SER A 156 22.44 15.30 10.30
C SER A 156 22.63 14.05 9.46
N ILE A 157 21.90 13.97 8.34
CA ILE A 157 21.89 12.80 7.48
C ILE A 157 22.24 13.24 6.07
N GLN A 158 23.15 12.51 5.43
CA GLN A 158 23.47 12.78 4.04
C GLN A 158 22.32 12.33 3.15
N ILE A 159 21.92 13.19 2.21
CA ILE A 159 20.78 12.90 1.35
C ILE A 159 21.13 12.86 -0.12
N ALA A 160 22.26 13.43 -0.55
CA ALA A 160 22.60 13.44 -1.96
C ALA A 160 24.12 13.45 -2.11
N LEU A 161 24.57 13.04 -3.30
CA LEU A 161 25.99 13.04 -3.66
C LEU A 161 26.16 13.79 -4.97
N PHE A 162 27.11 14.72 -5.00
CA PHE A 162 27.35 15.55 -6.18
C PHE A 162 28.83 15.51 -6.55
N ARG A 163 29.09 15.47 -7.86
CA ARG A 163 30.44 15.53 -8.39
C ARG A 163 30.51 16.62 -9.45
N LEU A 164 31.48 17.52 -9.32
CA LEU A 164 31.62 18.64 -10.24
C LEU A 164 32.88 18.47 -11.09
N ASP A 165 32.75 18.83 -12.36
CA ASP A 165 33.88 18.85 -13.29
C ASP A 165 33.82 20.16 -14.06
N ARG A 166 34.79 21.04 -13.81
CA ARG A 166 34.81 22.39 -14.37
C ARG A 166 33.53 23.13 -13.97
N GLY A 167 33.17 23.00 -12.69
CA GLY A 167 32.03 23.74 -12.15
C GLY A 167 30.68 23.42 -12.74
N ARG A 168 30.36 22.13 -12.92
CA ARG A 168 29.10 21.74 -13.50
C ARG A 168 28.15 21.02 -12.54
N LEU A 169 28.69 20.36 -11.51
CA LEU A 169 27.89 19.65 -10.50
C LEU A 169 26.98 18.59 -11.16
N VAL A 170 27.63 17.59 -11.74
CA VAL A 170 26.89 16.47 -12.32
C VAL A 170 26.26 15.64 -11.19
N PRO A 171 24.96 15.35 -11.24
CA PRO A 171 24.35 14.56 -10.17
C PRO A 171 24.87 13.14 -10.12
N GLU A 172 24.85 12.58 -8.92
CA GLU A 172 25.37 11.24 -8.68
C GLU A 172 24.35 10.44 -7.87
N ILE A 173 24.42 9.12 -8.01
CA ILE A 173 23.48 8.22 -7.35
C ILE A 173 23.89 8.02 -5.90
N TYR A 174 22.93 8.19 -4.99
CA TYR A 174 23.11 7.88 -3.58
C TYR A 174 22.10 6.83 -3.16
N ASP A 175 22.51 5.95 -2.25
CA ASP A 175 21.67 4.83 -1.82
C ASP A 175 20.74 5.29 -0.71
N PHE A 176 19.45 5.31 -1.00
CA PHE A 176 18.40 5.68 -0.06
C PHE A 176 17.06 5.23 -0.61
N PRO A 177 16.20 4.61 0.21
CA PRO A 177 14.89 4.20 -0.29
C PRO A 177 14.02 5.40 -0.62
N LEU A 178 13.19 5.24 -1.65
CA LEU A 178 12.24 6.29 -2.04
C LEU A 178 10.89 5.65 -2.31
N LEU A 179 9.82 6.32 -1.89
CA LEU A 179 8.49 5.74 -1.98
C LEU A 179 7.84 6.05 -3.32
N THR A 180 7.88 7.30 -3.74
CA THR A 180 7.32 7.72 -5.01
C THR A 180 8.41 7.73 -6.08
N LEU A 181 8.09 8.29 -7.24
CA LEU A 181 9.00 8.29 -8.38
C LEU A 181 9.46 9.68 -8.77
N ASN A 182 9.05 10.73 -8.04
CA ASN A 182 9.45 12.10 -8.36
C ASN A 182 10.75 12.48 -7.66
N HIS A 183 11.83 11.85 -8.13
CA HIS A 183 13.18 12.14 -7.67
C HIS A 183 13.95 12.85 -8.79
N TYR A 184 14.88 13.72 -8.39
CA TYR A 184 15.58 14.55 -9.36
C TYR A 184 16.43 13.75 -10.33
N TYR A 185 16.79 12.51 -9.99
CA TYR A 185 17.63 11.69 -10.86
C TYR A 185 16.83 10.90 -11.88
N LEU A 186 15.49 10.91 -11.82
CA LEU A 186 14.69 10.08 -12.69
C LEU A 186 14.71 10.52 -14.15
N GLY A 187 15.14 11.74 -14.46
CA GLY A 187 15.17 12.17 -15.85
C GLY A 187 16.15 11.37 -16.68
N ASP A 188 17.35 11.17 -16.16
CA ASP A 188 18.35 10.36 -16.86
C ASP A 188 17.87 8.92 -17.01
N ILE A 189 17.25 8.37 -15.97
CA ILE A 189 16.73 7.02 -16.03
C ILE A 189 15.66 6.89 -17.10
N PHE A 190 14.76 7.89 -17.17
CA PHE A 190 13.70 7.86 -18.18
C PHE A 190 14.28 7.94 -19.59
N VAL A 191 15.28 8.79 -19.80
CA VAL A 191 15.91 8.89 -21.11
C VAL A 191 16.57 7.56 -21.48
N LYS A 192 17.30 6.96 -20.54
CA LYS A 192 17.94 5.69 -20.80
C LYS A 192 16.91 4.60 -21.08
N LEU A 193 15.78 4.63 -20.39
CA LEU A 193 14.75 3.62 -20.59
C LEU A 193 14.08 3.76 -21.94
N ASN A 194 13.85 5.01 -22.39
CA ASN A 194 13.32 5.22 -23.73
C ASN A 194 14.29 4.72 -24.79
N ARG A 195 15.59 5.02 -24.61
CA ARG A 195 16.59 4.49 -25.53
C ARG A 195 16.60 2.96 -25.52
N THR A 196 16.44 2.37 -24.33
CA THR A 196 16.41 0.91 -24.21
C THR A 196 15.19 0.33 -24.93
N VAL A 197 14.04 1.00 -24.83
CA VAL A 197 12.84 0.54 -25.52
C VAL A 197 13.06 0.56 -27.03
N SER A 198 13.64 1.66 -27.54
CA SER A 198 13.92 1.72 -28.97
C SER A 198 14.90 0.63 -29.40
N GLU A 199 15.95 0.41 -28.60
CA GLU A 199 16.92 -0.63 -28.91
C GLU A 199 16.29 -2.00 -28.89
N LEU A 200 15.39 -2.25 -27.93
CA LEU A 200 14.70 -3.53 -27.84
C LEU A 200 13.82 -3.76 -29.05
N LYS A 201 13.10 -2.73 -29.49
CA LYS A 201 12.28 -2.87 -30.70
C LYS A 201 13.14 -3.19 -31.91
N SER A 202 14.28 -2.49 -32.06
CA SER A 202 15.16 -2.77 -33.18
C SER A 202 15.73 -4.18 -33.12
N PHE A 203 16.13 -4.62 -31.92
CA PHE A 203 16.70 -5.96 -31.77
C PHE A 203 15.67 -7.04 -32.08
N ASN A 204 14.43 -6.87 -31.59
CA ASN A 204 13.39 -7.84 -31.89
C ASN A 204 13.07 -7.88 -33.38
N ARG A 205 13.03 -6.70 -34.02
CA ARG A 205 12.66 -6.64 -35.43
C ARG A 205 13.71 -7.31 -36.31
N PHE A 206 15.00 -7.18 -35.96
CA PHE A 206 16.07 -7.57 -36.88
C PHE A 206 16.36 -9.06 -36.82
N VAL A 207 16.80 -9.56 -35.67
CA VAL A 207 17.38 -10.89 -35.56
C VAL A 207 16.54 -11.82 -34.69
N PHE A 208 16.00 -11.32 -33.58
CA PHE A 208 15.30 -12.19 -32.63
C PHE A 208 14.05 -12.80 -33.26
N SER A 209 13.30 -12.02 -34.03
CA SER A 209 12.09 -12.53 -34.66
C SER A 209 12.40 -13.63 -35.67
N ALA A 210 13.47 -13.44 -36.46
CA ALA A 210 13.80 -14.41 -37.49
C ALA A 210 14.19 -15.75 -36.89
N SER A 211 14.99 -15.74 -35.82
CA SER A 211 15.45 -16.99 -35.23
C SER A 211 14.32 -17.70 -34.48
N ARG A 212 13.67 -17.01 -33.54
CA ARG A 212 12.63 -17.58 -32.69
C ARG A 212 11.36 -16.76 -32.89
N SER A 213 10.49 -17.23 -33.79
CA SER A 213 9.23 -16.55 -34.04
C SER A 213 8.20 -16.80 -32.93
N TYR A 214 8.38 -17.87 -32.15
CA TYR A 214 7.39 -18.21 -31.14
C TYR A 214 7.39 -17.21 -30.00
N ALA A 215 8.57 -16.87 -29.48
CA ALA A 215 8.67 -15.95 -28.35
C ALA A 215 8.63 -14.49 -28.78
N SER A 216 8.65 -14.22 -30.09
CA SER A 216 8.61 -12.83 -30.55
C SER A 216 7.31 -12.15 -30.18
N ILE A 217 6.19 -12.88 -30.24
CA ILE A 217 4.90 -12.30 -29.90
C ILE A 217 4.89 -11.88 -28.43
N LEU A 218 5.36 -12.77 -27.55
CA LEU A 218 5.41 -12.44 -26.13
C LEU A 218 6.38 -11.30 -25.86
N LEU A 219 7.50 -11.26 -26.58
CA LEU A 219 8.45 -10.17 -26.38
C LEU A 219 7.85 -8.82 -26.78
N VAL A 220 7.15 -8.78 -27.92
CA VAL A 220 6.50 -7.55 -28.34
C VAL A 220 5.42 -7.14 -27.34
N PHE A 221 4.67 -8.14 -26.84
CA PHE A 221 3.66 -7.90 -25.82
C PHE A 221 4.27 -7.23 -24.59
N LEU A 222 5.37 -7.79 -24.09
CA LEU A 222 6.00 -7.26 -22.89
C LEU A 222 6.62 -5.89 -23.14
N ILE A 223 7.17 -5.68 -24.34
CA ILE A 223 7.74 -4.37 -24.68
C ILE A 223 6.64 -3.31 -24.69
N ASN A 224 5.48 -3.63 -25.27
CA ASN A 224 4.38 -2.68 -25.27
C ASN A 224 3.88 -2.42 -23.85
N LYS A 225 3.84 -3.46 -23.01
CA LYS A 225 3.45 -3.26 -21.62
C LYS A 225 4.40 -2.30 -20.91
N LEU A 226 5.71 -2.48 -21.10
CA LEU A 226 6.69 -1.59 -20.49
C LEU A 226 6.55 -0.17 -21.02
N GLU A 227 6.31 -0.03 -22.34
CA GLU A 227 6.14 1.29 -22.92
C GLU A 227 4.93 2.01 -22.35
N ARG A 228 3.81 1.29 -22.19
CA ARG A 228 2.62 1.89 -21.59
C ARG A 228 2.88 2.31 -20.16
N GLU A 229 3.56 1.45 -19.39
CA GLU A 229 3.86 1.79 -18.00
C GLU A 229 4.76 3.02 -17.92
N LEU A 230 5.76 3.10 -18.79
CA LEU A 230 6.63 4.27 -18.81
C LEU A 230 5.87 5.53 -19.17
N LYS A 231 4.97 5.43 -20.15
CA LYS A 231 4.18 6.60 -20.54
C LYS A 231 3.30 7.07 -19.39
N PHE A 232 2.69 6.13 -18.65
CA PHE A 232 1.89 6.53 -17.49
C PHE A 232 2.78 7.13 -16.40
N ALA A 233 3.95 6.55 -16.17
CA ALA A 233 4.79 6.98 -15.06
C ALA A 233 5.37 8.37 -15.30
N GLU A 234 5.71 8.69 -16.55
CA GLU A 234 6.29 10.00 -16.83
C GLU A 234 5.31 11.12 -16.52
N SER A 235 4.03 10.94 -16.87
CA SER A 235 3.04 11.97 -16.61
C SER A 235 2.69 12.05 -15.13
N ASN A 236 2.61 10.91 -14.45
CA ASN A 236 2.23 10.84 -13.04
C ASN A 236 3.44 10.35 -12.24
N ARG A 237 4.13 11.28 -11.58
CA ARG A 237 5.34 10.93 -10.84
C ARG A 237 5.02 10.56 -9.40
N ALA A 238 4.06 11.25 -8.79
CA ALA A 238 3.76 11.04 -7.37
C ALA A 238 2.94 9.80 -7.10
N ASN A 239 2.46 9.11 -8.14
CA ASN A 239 1.62 7.94 -7.98
C ASN A 239 2.24 6.71 -8.64
N SER A 240 3.55 6.52 -8.44
CA SER A 240 4.24 5.36 -9.00
C SER A 240 5.42 5.00 -8.11
N SER A 241 5.90 3.77 -8.29
CA SER A 241 6.99 3.23 -7.49
C SER A 241 8.01 2.55 -8.39
N PRO A 242 9.28 2.49 -7.96
CA PRO A 242 10.31 1.84 -8.80
C PRO A 242 10.14 0.34 -8.94
N LYS A 243 9.43 -0.32 -8.02
CA LYS A 243 9.33 -1.76 -8.04
C LYS A 243 8.63 -2.27 -9.29
N GLN A 244 7.56 -1.58 -9.71
CA GLN A 244 6.84 -2.00 -10.91
C GLN A 244 7.72 -1.92 -12.15
N ILE A 245 8.45 -0.82 -12.31
CA ILE A 245 9.34 -0.66 -13.46
C ILE A 245 10.44 -1.70 -13.44
N PHE A 246 11.02 -1.94 -12.25
CA PHE A 246 12.05 -2.95 -12.15
C PHE A 246 11.51 -4.33 -12.51
N ASP A 247 10.31 -4.64 -12.06
CA ASP A 247 9.72 -5.94 -12.37
C ASP A 247 9.51 -6.10 -13.87
N LEU A 248 9.02 -5.05 -14.53
CA LEU A 248 8.82 -5.14 -15.98
C LEU A 248 10.14 -5.33 -16.72
N ILE A 249 11.16 -4.55 -16.36
CA ILE A 249 12.45 -4.68 -17.05
C ILE A 249 13.07 -6.06 -16.79
N ASP A 250 13.00 -6.53 -15.55
CA ASP A 250 13.55 -7.85 -15.22
C ASP A 250 12.81 -8.95 -15.97
N ASP A 251 11.50 -8.80 -16.11
CA ASP A 251 10.73 -9.79 -16.84
C ASP A 251 11.14 -9.83 -18.31
N ILE A 252 11.32 -8.66 -18.92
CA ILE A 252 11.78 -8.59 -20.29
C ILE A 252 13.15 -9.23 -20.44
N TYR A 253 14.05 -8.94 -19.49
CA TYR A 253 15.40 -9.52 -19.53
C TYR A 253 15.34 -11.04 -19.44
N SER A 254 14.56 -11.57 -18.51
CA SER A 254 14.49 -13.01 -18.33
C SER A 254 13.91 -13.71 -19.55
N LEU A 255 12.90 -13.10 -20.17
CA LEU A 255 12.31 -13.70 -21.36
C LEU A 255 13.33 -13.86 -22.47
N ILE A 256 14.18 -12.85 -22.67
CA ILE A 256 15.22 -12.93 -23.68
C ILE A 256 16.24 -14.01 -23.33
N GLN A 257 16.66 -14.06 -22.06
CA GLN A 257 17.67 -15.05 -21.67
C GLN A 257 17.16 -16.47 -21.85
N LEU A 258 15.88 -16.72 -21.60
CA LEU A 258 15.37 -18.08 -21.65
C LEU A 258 15.51 -18.70 -23.05
N ASN A 259 15.21 -17.93 -24.09
CA ASN A 259 15.29 -18.41 -25.45
C ASN A 259 16.50 -17.87 -26.22
N LEU A 260 17.50 -17.34 -25.51
CA LEU A 260 18.63 -16.71 -26.17
C LEU A 260 19.51 -17.72 -26.90
N ASP A 261 19.43 -19.00 -26.51
CA ASP A 261 20.19 -20.11 -27.07
C ASP A 261 21.69 -19.98 -26.76
N LYS A 262 22.06 -19.04 -25.90
CA LYS A 262 23.43 -18.91 -25.43
C LYS A 262 23.62 -19.80 -24.21
N VAL A 263 24.70 -19.57 -23.46
CA VAL A 263 25.00 -20.37 -22.28
C VAL A 263 23.76 -20.46 -21.38
N GLU A 264 23.51 -21.67 -20.86
CA GLU A 264 22.30 -21.92 -20.09
C GLU A 264 22.28 -21.19 -18.77
N GLU A 265 23.43 -20.74 -18.27
CA GLU A 265 23.49 -20.03 -17.00
C GLU A 265 23.06 -18.58 -17.22
N LEU A 266 21.99 -18.18 -16.55
CA LEU A 266 21.45 -16.83 -16.66
C LEU A 266 21.76 -16.06 -15.39
N ASP A 267 22.22 -14.82 -15.56
CA ASP A 267 22.57 -13.97 -14.43
C ASP A 267 21.31 -13.24 -13.96
N SER A 268 20.97 -13.43 -12.69
CA SER A 268 19.76 -12.86 -12.11
C SER A 268 20.14 -11.80 -11.09
N ILE A 269 19.50 -10.65 -11.17
CA ILE A 269 19.69 -9.54 -10.23
C ILE A 269 18.42 -9.37 -9.42
N GLU A 270 18.58 -9.22 -8.11
CA GLU A 270 17.45 -9.06 -7.20
C GLU A 270 17.26 -7.59 -6.86
N PHE A 271 16.01 -7.16 -6.88
CA PHE A 271 15.69 -5.80 -6.46
C PHE A 271 15.98 -5.60 -4.98
N ASP A 272 16.51 -4.44 -4.64
CA ASP A 272 16.79 -4.09 -3.25
C ASP A 272 16.05 -2.81 -2.90
N PHE A 273 15.28 -2.84 -1.82
CA PHE A 273 14.56 -1.65 -1.38
C PHE A 273 15.49 -0.61 -0.77
N GLN A 274 16.75 -0.95 -0.53
CA GLN A 274 17.72 0.01 -0.01
C GLN A 274 18.46 0.75 -1.10
N LYS A 275 18.69 0.12 -2.25
CA LYS A 275 19.38 0.73 -3.38
C LYS A 275 18.58 0.49 -4.67
N PRO A 276 17.43 1.15 -4.82
CA PRO A 276 16.62 0.89 -6.02
C PRO A 276 17.18 1.53 -7.28
N LEU A 277 17.71 2.75 -7.19
CA LEU A 277 18.27 3.41 -8.36
C LEU A 277 19.47 2.65 -8.90
N THR A 278 20.32 2.13 -8.00
CA THR A 278 21.47 1.35 -8.43
C THR A 278 21.02 0.10 -9.20
N LYS A 279 20.02 -0.60 -8.67
CA LYS A 279 19.53 -1.80 -9.34
C LYS A 279 18.92 -1.47 -10.69
N LEU A 280 18.16 -0.39 -10.78
CA LEU A 280 17.60 0.02 -12.06
C LEU A 280 18.69 0.33 -13.07
N ASN A 281 19.71 1.07 -12.65
CA ASN A 281 20.81 1.41 -13.56
C ASN A 281 21.55 0.18 -14.03
N LEU A 282 21.85 -0.75 -13.11
CA LEU A 282 22.55 -1.97 -13.49
C LEU A 282 21.71 -2.81 -14.46
N LEU A 283 20.42 -2.94 -14.18
CA LEU A 283 19.56 -3.72 -15.07
C LEU A 283 19.48 -3.10 -16.45
N ALA A 284 19.34 -1.77 -16.51
CA ALA A 284 19.29 -1.10 -17.80
C ALA A 284 20.59 -1.26 -18.57
N ASP A 285 21.73 -1.13 -17.88
CA ASP A 285 23.01 -1.28 -18.54
C ASP A 285 23.20 -2.70 -19.08
N ARG A 286 22.83 -3.71 -18.28
CA ARG A 286 22.96 -5.09 -18.74
C ARG A 286 22.04 -5.35 -19.93
N LEU A 287 20.82 -4.82 -19.88
CA LEU A 287 19.89 -5.00 -20.99
C LEU A 287 20.42 -4.36 -22.27
N LEU A 288 20.98 -3.15 -22.17
CA LEU A 288 21.55 -2.49 -23.33
C LEU A 288 22.75 -3.26 -23.87
N THR A 289 23.60 -3.78 -22.97
CA THR A 289 24.76 -4.55 -23.39
C THR A 289 24.34 -5.82 -24.14
N LEU A 290 23.31 -6.50 -23.64
CA LEU A 290 22.83 -7.70 -24.34
C LEU A 290 22.14 -7.35 -25.65
N CYS A 291 21.45 -6.20 -25.70
CA CYS A 291 20.71 -5.83 -26.90
C CYS A 291 21.64 -5.37 -28.02
N GLU A 292 22.77 -4.75 -27.68
CA GLU A 292 23.69 -4.30 -28.71
C GLU A 292 24.24 -5.46 -29.52
N TYR A 293 24.27 -6.66 -28.95
CA TYR A 293 24.69 -7.87 -29.63
C TYR A 293 26.10 -7.74 -30.22
N MET B 26 2.90 26.79 6.27
CA MET B 26 3.71 26.82 7.48
C MET B 26 3.50 25.54 8.29
N PHE B 27 4.60 24.86 8.63
CA PHE B 27 4.55 23.56 9.28
C PHE B 27 5.00 23.74 10.73
N LEU B 28 4.04 23.70 11.66
CA LEU B 28 4.23 24.18 13.02
C LEU B 28 4.77 23.14 14.00
N GLU B 29 4.98 21.90 13.57
CA GLU B 29 5.52 20.83 14.44
C GLU B 29 4.62 20.71 15.66
N ARG B 30 5.12 20.91 16.87
CA ARG B 30 4.33 20.83 18.10
C ARG B 30 4.36 22.16 18.83
N ILE B 31 3.46 22.30 19.81
CA ILE B 31 3.37 23.52 20.58
C ILE B 31 4.52 23.61 21.58
N TYR B 32 4.84 24.84 21.98
CA TYR B 32 5.93 25.10 22.92
C TYR B 32 5.34 25.35 24.30
N TRP B 33 5.61 24.43 25.22
CA TRP B 33 5.07 24.51 26.58
C TRP B 33 6.07 25.03 27.59
N GLU B 34 7.37 24.97 27.29
CA GLU B 34 8.41 25.20 28.28
C GLU B 34 8.38 26.61 28.86
N ASP B 35 7.73 27.55 28.19
CA ASP B 35 7.69 28.92 28.70
C ASP B 35 6.95 29.00 30.04
N GLY B 36 5.84 28.27 30.17
CA GLY B 36 5.04 28.34 31.37
C GLY B 36 4.07 29.50 31.33
N LEU B 37 2.79 29.22 31.56
CA LEU B 37 1.74 30.24 31.50
C LEU B 37 0.51 29.69 32.19
N ARG B 38 -0.38 30.60 32.57
CA ARG B 38 -1.63 30.21 33.21
C ARG B 38 -2.43 29.31 32.28
N LEU B 39 -2.70 28.09 32.74
CA LEU B 39 -3.34 27.07 31.91
C LEU B 39 -4.79 27.43 31.68
N ASP B 40 -5.10 27.97 30.51
CA ASP B 40 -6.46 28.25 30.09
C ASP B 40 -6.91 27.23 29.05
N SER B 41 -8.21 27.28 28.74
CA SER B 41 -8.76 26.34 27.77
C SER B 41 -8.21 26.58 26.37
N ASP B 42 -7.90 27.84 26.04
CA ASP B 42 -7.44 28.16 24.69
C ASP B 42 -6.13 27.45 24.35
N ILE B 43 -5.19 27.44 25.29
CA ILE B 43 -3.89 26.82 25.01
C ILE B 43 -4.04 25.31 24.87
N LEU B 44 -4.90 24.70 25.67
CA LEU B 44 -5.11 23.26 25.57
C LEU B 44 -5.78 22.90 24.25
N ASP B 45 -6.79 23.66 23.84
CA ASP B 45 -7.43 23.41 22.56
C ASP B 45 -6.45 23.59 21.41
N LYS B 46 -5.62 24.64 21.48
CA LYS B 46 -4.62 24.86 20.43
C LYS B 46 -3.61 23.72 20.38
N SER B 47 -3.18 23.22 21.54
CA SER B 47 -2.24 22.11 21.57
C SER B 47 -2.85 20.86 20.94
N ASN B 48 -4.10 20.55 21.30
CA ASN B 48 -4.77 19.39 20.72
C ASN B 48 -4.91 19.53 19.22
N LEU B 49 -5.32 20.72 18.76
CA LEU B 49 -5.47 20.94 17.33
C LEU B 49 -4.15 20.80 16.59
N SER B 50 -3.07 21.34 17.16
CA SER B 50 -1.76 21.24 16.52
C SER B 50 -1.30 19.79 16.46
N VAL B 51 -1.51 19.03 17.53
CA VAL B 51 -1.11 17.62 17.53
C VAL B 51 -1.89 16.86 16.46
N LEU B 52 -3.20 17.09 16.40
CA LEU B 52 -4.01 16.41 15.40
C LEU B 52 -3.57 16.77 13.98
N GLU B 53 -3.32 18.05 13.72
CA GLU B 53 -2.90 18.47 12.40
C GLU B 53 -1.56 17.86 12.01
N ARG B 54 -0.60 17.87 12.95
CA ARG B 54 0.72 17.30 12.68
C ARG B 54 0.61 15.81 12.34
N LEU B 55 -0.12 15.06 13.16
CA LEU B 55 -0.18 13.62 12.94
C LEU B 55 -1.00 13.27 11.70
N SER B 56 -2.00 14.09 11.37
CA SER B 56 -2.75 13.85 10.14
C SER B 56 -1.89 14.15 8.91
N THR B 57 -1.08 15.20 8.99
CA THR B 57 -0.18 15.50 7.87
C THR B 57 0.85 14.41 7.68
N ALA B 58 1.39 13.86 8.78
CA ALA B 58 2.41 12.82 8.67
C ALA B 58 1.85 11.51 8.13
N SER B 59 0.54 11.34 8.10
CA SER B 59 -0.06 10.08 7.68
C SER B 59 0.16 9.84 6.18
N TYR B 60 0.02 8.58 5.79
CA TYR B 60 0.27 8.15 4.41
C TYR B 60 -0.92 7.37 3.89
N LEU B 61 -1.20 7.53 2.60
CA LEU B 61 -2.30 6.86 1.91
C LEU B 61 -1.76 6.15 0.68
N PRO B 62 -2.43 5.10 0.23
CA PRO B 62 -1.91 4.34 -0.93
C PRO B 62 -1.81 5.21 -2.16
N ALA B 63 -0.75 4.97 -2.94
CA ALA B 63 -0.44 5.73 -4.16
C ALA B 63 -0.23 7.22 -3.88
N ASN B 64 0.06 7.57 -2.62
CA ASN B 64 0.34 8.94 -2.23
C ASN B 64 -0.81 9.88 -2.62
N LEU B 65 -2.01 9.52 -2.19
CA LEU B 65 -3.21 10.30 -2.49
C LEU B 65 -3.54 11.23 -1.31
N ASN B 66 -4.13 12.37 -1.63
CA ASN B 66 -4.53 13.33 -0.61
C ASN B 66 -5.99 13.20 -0.20
N LYS B 67 -6.80 12.53 -1.00
CA LYS B 67 -8.22 12.35 -0.69
C LYS B 67 -8.73 11.13 -1.43
N GLY B 68 -9.83 10.57 -0.94
CA GLY B 68 -10.41 9.40 -1.57
C GLY B 68 -11.63 8.94 -0.81
N ILE B 69 -12.31 7.96 -1.41
CA ILE B 69 -13.51 7.35 -0.83
C ILE B 69 -13.19 5.90 -0.54
N VAL B 70 -13.43 5.47 0.70
CA VAL B 70 -13.10 4.11 1.12
C VAL B 70 -14.36 3.27 1.19
N SER B 71 -15.50 3.89 1.46
CA SER B 71 -16.78 3.18 1.44
C SER B 71 -17.92 4.17 1.30
N PHE B 72 -18.84 3.89 0.38
CA PHE B 72 -19.99 4.76 0.15
C PHE B 72 -21.10 3.94 -0.49
N ASP B 73 -22.14 3.64 0.27
CA ASP B 73 -23.26 2.84 -0.21
C ASP B 73 -24.57 3.52 0.18
N LEU B 74 -25.56 3.39 -0.69
CA LEU B 74 -26.87 4.00 -0.48
C LEU B 74 -27.97 2.99 -0.78
N ASP B 75 -29.12 3.19 -0.14
CA ASP B 75 -30.26 2.30 -0.34
C ASP B 75 -30.88 2.53 -1.72
N VAL B 76 -31.29 1.44 -2.35
CA VAL B 76 -31.91 1.52 -3.67
C VAL B 76 -33.27 0.82 -3.67
N LEU B 83 -36.13 9.60 -3.11
CA LEU B 83 -35.49 9.57 -1.81
C LEU B 83 -34.10 8.94 -1.89
N ILE B 84 -33.11 9.62 -1.32
CA ILE B 84 -31.74 9.13 -1.25
C ILE B 84 -31.43 8.85 0.21
N LEU B 85 -31.19 7.58 0.53
CA LEU B 85 -30.88 7.16 1.89
C LEU B 85 -29.47 6.61 1.94
N ILE B 86 -28.68 7.10 2.89
CA ILE B 86 -27.27 6.74 3.01
C ILE B 86 -27.14 5.66 4.08
N LYS B 87 -26.50 4.55 3.70
CA LYS B 87 -26.25 3.45 4.62
C LYS B 87 -24.82 3.47 5.16
N ASP B 88 -23.82 3.54 4.28
CA ASP B 88 -22.42 3.57 4.67
C ASP B 88 -21.74 4.76 4.02
N LEU B 89 -21.01 5.54 4.82
CA LEU B 89 -20.30 6.71 4.33
C LEU B 89 -18.95 6.80 5.02
N LYS B 90 -17.87 6.74 4.25
CA LYS B 90 -16.52 6.80 4.78
C LYS B 90 -15.60 7.25 3.67
N LEU B 91 -14.90 8.37 3.88
CA LEU B 91 -14.07 8.94 2.82
C LEU B 91 -13.02 9.86 3.44
N TYR B 92 -12.02 10.18 2.64
CA TYR B 92 -10.98 11.14 3.01
C TYR B 92 -11.18 12.41 2.19
N LEU B 93 -11.33 13.54 2.89
CA LEU B 93 -11.46 14.82 2.22
C LEU B 93 -10.08 15.35 1.81
N ASP B 94 -10.05 16.56 1.27
CA ASP B 94 -8.80 17.15 0.85
C ASP B 94 -7.91 17.41 2.06
N GLU B 95 -6.60 17.33 1.83
CA GLU B 95 -5.59 17.44 2.88
C GLU B 95 -5.73 16.34 3.93
N LYS B 96 -6.16 15.16 3.49
CA LYS B 96 -6.26 13.97 4.34
C LYS B 96 -7.15 14.21 5.55
N ASN B 97 -8.35 14.72 5.31
CA ASN B 97 -9.35 14.91 6.35
C ASN B 97 -10.28 13.70 6.39
N PHE B 98 -10.43 13.11 7.56
CA PHE B 98 -11.17 11.86 7.72
C PHE B 98 -12.60 12.16 8.14
N VAL B 99 -13.56 11.58 7.42
CA VAL B 99 -14.98 11.75 7.71
C VAL B 99 -15.60 10.38 7.88
N PHE B 100 -16.27 10.17 9.01
CA PHE B 100 -16.93 8.92 9.32
C PHE B 100 -18.39 9.18 9.68
N TYR B 101 -19.27 8.29 9.24
CA TYR B 101 -20.71 8.44 9.45
C TYR B 101 -21.17 7.43 10.50
N ASP B 102 -21.69 7.94 11.61
CA ASP B 102 -22.29 7.09 12.62
C ASP B 102 -23.74 6.77 12.24
N LYS B 103 -24.15 5.53 12.51
CA LYS B 103 -25.50 5.10 12.21
C LYS B 103 -26.52 5.56 13.24
N SER B 104 -26.14 6.51 14.11
CA SER B 104 -27.06 6.96 15.16
C SER B 104 -28.25 7.71 14.59
N TYR B 105 -28.02 8.52 13.55
CA TYR B 105 -29.11 9.32 13.00
C TYR B 105 -29.27 9.07 11.50
N PRO B 106 -30.48 9.21 10.97
CA PRO B 106 -30.67 9.02 9.52
C PRO B 106 -30.02 10.12 8.71
N LEU B 107 -29.67 9.79 7.47
CA LEU B 107 -29.03 10.71 6.54
C LEU B 107 -29.77 10.60 5.20
N SER B 108 -30.75 11.47 5.00
CA SER B 108 -31.57 11.45 3.80
C SER B 108 -31.85 12.87 3.34
N LEU B 109 -32.27 13.01 2.09
CA LEU B 109 -32.55 14.32 1.50
C LEU B 109 -34.00 14.49 1.06
N GLN B 110 -34.60 13.48 0.42
CA GLN B 110 -36.02 13.48 0.05
C GLN B 110 -36.36 14.66 -0.85
N ILE B 111 -35.78 14.63 -2.05
CA ILE B 111 -36.08 15.65 -3.04
C ILE B 111 -37.53 15.51 -3.53
N MET B 112 -38.05 16.59 -4.10
CA MET B 112 -39.40 16.60 -4.63
C MET B 112 -39.41 17.38 -5.94
N THR B 113 -40.40 17.08 -6.78
CA THR B 113 -40.56 17.74 -8.06
C THR B 113 -42.01 18.08 -8.34
N GLU B 119 -30.00 16.45 -13.85
CA GLU B 119 -28.78 17.04 -13.34
C GLU B 119 -28.99 17.62 -11.96
N ILE B 120 -28.94 16.77 -10.95
CA ILE B 120 -29.17 17.14 -9.56
C ILE B 120 -27.90 16.84 -8.78
N PRO B 121 -27.08 17.85 -8.48
CA PRO B 121 -25.89 17.63 -7.67
C PRO B 121 -26.26 17.30 -6.23
N LEU B 122 -25.38 16.53 -5.58
CA LEU B 122 -25.53 16.17 -4.17
C LEU B 122 -24.32 16.68 -3.41
N PHE B 123 -24.57 17.32 -2.27
CA PHE B 123 -23.51 17.94 -1.47
C PHE B 123 -23.53 17.37 -0.06
N LEU B 124 -22.35 17.39 0.57
CA LEU B 124 -22.19 16.93 1.94
C LEU B 124 -21.80 18.11 2.82
N ASN B 125 -22.55 18.31 3.90
CA ASN B 125 -22.33 19.43 4.81
C ASN B 125 -21.85 18.89 6.16
N ILE B 126 -20.80 19.50 6.71
CA ILE B 126 -20.26 19.12 8.00
C ILE B 126 -20.33 20.33 8.91
N ARG B 127 -21.07 20.21 10.01
CA ARG B 127 -21.18 21.25 11.02
C ARG B 127 -20.81 20.66 12.37
N GLU B 128 -19.94 21.35 13.09
CA GLU B 128 -19.51 20.89 14.41
C GLU B 128 -20.44 21.42 15.49
N LYS B 129 -20.65 20.60 16.52
CA LYS B 129 -21.52 20.99 17.62
C LYS B 129 -21.04 20.30 18.89
N VAL B 130 -21.48 20.83 20.02
CA VAL B 130 -21.04 20.36 21.34
C VAL B 130 -22.10 19.43 21.91
N ILE B 131 -21.67 18.24 22.29
CA ILE B 131 -22.54 17.27 22.96
C ILE B 131 -21.87 16.83 24.25
N GLU B 132 -22.68 16.34 25.18
CA GLU B 132 -22.18 15.87 26.47
C GLU B 132 -22.47 14.38 26.61
N LYS B 133 -21.46 13.63 27.03
CA LYS B 133 -21.58 12.20 27.26
C LYS B 133 -21.05 11.89 28.65
N ASN B 134 -21.82 11.12 29.42
CA ASN B 134 -21.58 10.72 30.81
C ASN B 134 -20.88 11.81 31.62
N GLY B 135 -21.37 13.03 31.53
CA GLY B 135 -20.85 14.14 32.31
C GLY B 135 -19.64 14.85 31.74
N VAL B 136 -19.20 14.48 30.54
CA VAL B 136 -18.03 15.07 29.92
C VAL B 136 -18.43 15.67 28.58
N LYS B 137 -18.06 16.94 28.38
CA LYS B 137 -18.34 17.60 27.11
C LYS B 137 -17.40 17.11 26.02
N TYR B 138 -17.90 17.13 24.78
CA TYR B 138 -17.14 16.66 23.62
C TYR B 138 -17.49 17.53 22.43
N ILE B 139 -16.79 17.26 21.32
CA ILE B 139 -17.02 17.94 20.04
C ILE B 139 -17.48 16.90 19.04
N TYR B 140 -18.62 17.16 18.39
CA TYR B 140 -19.21 16.22 17.45
C TYR B 140 -19.28 16.84 16.06
N ASN B 141 -19.26 15.98 15.05
CA ASN B 141 -19.41 16.38 13.66
C ASN B 141 -20.74 15.86 13.14
N GLN B 142 -21.57 16.76 12.62
CA GLN B 142 -22.90 16.42 12.11
C GLN B 142 -22.89 16.48 10.59
N LEU B 143 -23.38 15.44 9.96
CA LEU B 143 -23.44 15.35 8.51
C LEU B 143 -24.83 15.67 8.00
N SER B 144 -24.89 16.27 6.81
CA SER B 144 -26.17 16.66 6.21
C SER B 144 -26.04 16.62 4.70
N LEU B 145 -27.18 16.61 4.03
CA LEU B 145 -27.25 16.62 2.58
C LEU B 145 -28.00 17.85 2.11
N SER B 146 -27.51 18.46 1.03
CA SER B 146 -28.13 19.66 0.48
C SER B 146 -28.09 19.58 -1.04
N LEU B 147 -28.95 20.37 -1.68
CA LEU B 147 -29.03 20.37 -3.13
C LEU B 147 -27.89 21.14 -3.77
N GLU B 148 -27.42 22.22 -3.15
CA GLU B 148 -26.36 23.04 -3.71
C GLU B 148 -25.38 23.41 -2.61
N HIS B 149 -24.32 24.12 -3.01
CA HIS B 149 -23.31 24.57 -2.05
C HIS B 149 -23.91 25.54 -1.05
N SER B 150 -23.43 25.49 0.18
CA SER B 150 -23.92 26.34 1.25
C SER B 150 -22.75 26.95 2.00
N TYR B 151 -22.98 28.11 2.58
CA TYR B 151 -21.99 28.79 3.40
C TYR B 151 -22.31 28.60 4.88
N GLY B 152 -21.40 29.07 5.73
CA GLY B 152 -21.59 28.90 7.16
C GLY B 152 -21.33 27.50 7.66
N PHE B 153 -20.61 26.69 6.88
CA PHE B 153 -20.31 25.32 7.24
C PHE B 153 -18.81 25.09 7.19
N LYS B 154 -18.33 24.15 8.02
CA LYS B 154 -16.91 23.82 8.01
C LYS B 154 -16.48 23.25 6.66
N HIS B 155 -17.31 22.40 6.08
CA HIS B 155 -17.02 21.81 4.78
C HIS B 155 -18.30 21.70 3.97
N SER B 156 -18.17 21.85 2.66
CA SER B 156 -19.29 21.64 1.74
C SER B 156 -18.70 21.19 0.41
N ILE B 157 -18.69 19.88 0.19
CA ILE B 157 -18.07 19.27 -0.98
C ILE B 157 -19.11 18.40 -1.68
N GLN B 158 -19.22 18.55 -2.99
CA GLN B 158 -20.10 17.68 -3.76
C GLN B 158 -19.50 16.28 -3.84
N ILE B 159 -20.33 15.27 -3.59
CA ILE B 159 -19.86 13.89 -3.56
C ILE B 159 -20.54 12.99 -4.59
N ALA B 160 -21.70 13.39 -5.12
CA ALA B 160 -22.39 12.54 -6.08
C ALA B 160 -23.21 13.40 -7.03
N LEU B 161 -23.54 12.81 -8.19
CA LEU B 161 -24.36 13.46 -9.20
C LEU B 161 -25.51 12.53 -9.56
N PHE B 162 -26.73 13.08 -9.56
CA PHE B 162 -27.93 12.30 -9.82
C PHE B 162 -28.76 12.97 -10.91
N ARG B 163 -29.34 12.16 -11.79
CA ARG B 163 -30.24 12.63 -12.83
C ARG B 163 -31.51 11.81 -12.77
N LEU B 164 -32.66 12.49 -12.73
CA LEU B 164 -33.95 11.84 -12.61
C LEU B 164 -34.74 12.01 -13.91
N ASP B 165 -35.44 10.95 -14.30
CA ASP B 165 -36.34 10.98 -15.45
C ASP B 165 -37.64 10.28 -15.02
N ARG B 166 -38.72 11.06 -14.93
CA ARG B 166 -39.99 10.59 -14.42
C ARG B 166 -39.82 10.03 -13.00
N GLY B 167 -39.07 10.77 -12.18
CA GLY B 167 -38.90 10.42 -10.77
C GLY B 167 -38.20 9.10 -10.52
N ARG B 168 -37.09 8.83 -11.20
CA ARG B 168 -36.38 7.57 -11.01
C ARG B 168 -34.99 7.73 -10.38
N LEU B 169 -34.35 8.89 -10.54
CA LEU B 169 -33.03 9.15 -9.96
C LEU B 169 -31.99 8.13 -10.43
N VAL B 170 -31.73 8.16 -11.73
CA VAL B 170 -30.68 7.29 -12.29
C VAL B 170 -29.32 7.78 -11.82
N PRO B 171 -28.46 6.91 -11.28
CA PRO B 171 -27.15 7.37 -10.81
C PRO B 171 -26.26 7.82 -11.96
N GLU B 172 -25.37 8.75 -11.65
CA GLU B 172 -24.47 9.33 -12.63
C GLU B 172 -23.04 9.32 -12.09
N ILE B 173 -22.08 9.32 -13.02
CA ILE B 173 -20.67 9.25 -12.66
C ILE B 173 -20.17 10.63 -12.24
N TYR B 174 -19.51 10.69 -11.10
CA TYR B 174 -18.84 11.89 -10.62
C TYR B 174 -17.36 11.61 -10.45
N ASP B 175 -16.53 12.61 -10.73
CA ASP B 175 -15.08 12.44 -10.71
C ASP B 175 -14.57 12.65 -9.28
N PHE B 176 -14.06 11.59 -8.67
CA PHE B 176 -13.50 11.62 -7.32
C PHE B 176 -12.69 10.35 -7.11
N PRO B 177 -11.49 10.45 -6.55
CA PRO B 177 -10.70 9.23 -6.30
C PRO B 177 -11.35 8.37 -5.24
N LEU B 178 -11.20 7.05 -5.40
CA LEU B 178 -11.71 6.10 -4.42
C LEU B 178 -10.64 5.04 -4.17
N LEU B 179 -10.50 4.64 -2.90
CA LEU B 179 -9.41 3.74 -2.53
C LEU B 179 -9.83 2.28 -2.68
N THR B 180 -11.00 1.92 -2.17
CA THR B 180 -11.51 0.57 -2.28
C THR B 180 -12.46 0.47 -3.47
N LEU B 181 -13.17 -0.66 -3.57
CA LEU B 181 -14.03 -0.93 -4.71
C LEU B 181 -15.50 -0.99 -4.34
N ASN B 182 -15.86 -0.75 -3.08
CA ASN B 182 -17.26 -0.80 -2.65
C ASN B 182 -17.93 0.56 -2.80
N HIS B 183 -18.15 0.93 -4.06
CA HIS B 183 -18.86 2.14 -4.42
C HIS B 183 -20.20 1.75 -5.04
N TYR B 184 -21.20 2.62 -4.85
CA TYR B 184 -22.56 2.29 -5.27
C TYR B 184 -22.70 2.15 -6.78
N TYR B 185 -21.77 2.70 -7.55
CA TYR B 185 -21.84 2.62 -9.00
C TYR B 185 -21.21 1.36 -9.57
N LEU B 186 -20.55 0.56 -8.75
CA LEU B 186 -19.81 -0.59 -9.27
C LEU B 186 -20.70 -1.71 -9.79
N GLY B 187 -21.99 -1.73 -9.45
CA GLY B 187 -22.86 -2.79 -9.96
C GLY B 187 -23.00 -2.75 -11.47
N ASP B 188 -23.25 -1.56 -12.02
CA ASP B 188 -23.34 -1.41 -13.46
C ASP B 188 -22.04 -1.76 -14.14
N ILE B 189 -20.91 -1.35 -13.55
CA ILE B 189 -19.61 -1.66 -14.12
C ILE B 189 -19.37 -3.17 -14.12
N PHE B 190 -19.74 -3.85 -13.04
CA PHE B 190 -19.57 -5.30 -12.99
C PHE B 190 -20.44 -6.00 -14.02
N VAL B 191 -21.68 -5.54 -14.20
CA VAL B 191 -22.55 -6.14 -15.22
C VAL B 191 -21.96 -5.93 -16.61
N LYS B 192 -21.50 -4.72 -16.89
CA LYS B 192 -20.90 -4.44 -18.19
C LYS B 192 -19.64 -5.27 -18.40
N LEU B 193 -18.84 -5.47 -17.34
CA LEU B 193 -17.61 -6.25 -17.47
C LEU B 193 -17.91 -7.72 -17.71
N ASN B 194 -18.94 -8.26 -17.07
CA ASN B 194 -19.33 -9.64 -17.34
C ASN B 194 -19.81 -9.79 -18.79
N ARG B 195 -20.61 -8.83 -19.27
CA ARG B 195 -21.02 -8.86 -20.67
C ARG B 195 -19.81 -8.76 -21.59
N THR B 196 -18.83 -7.93 -21.23
CA THR B 196 -17.62 -7.80 -22.03
C THR B 196 -16.82 -9.10 -22.05
N VAL B 197 -16.77 -9.80 -20.92
CA VAL B 197 -16.06 -11.08 -20.88
C VAL B 197 -16.74 -12.09 -21.80
N SER B 198 -18.07 -12.16 -21.75
CA SER B 198 -18.79 -13.06 -22.64
C SER B 198 -18.55 -12.70 -24.10
N GLU B 199 -18.61 -11.40 -24.42
CA GLU B 199 -18.38 -10.97 -25.79
C GLU B 199 -16.96 -11.29 -26.25
N LEU B 200 -15.98 -11.13 -25.35
CA LEU B 200 -14.59 -11.45 -25.69
C LEU B 200 -14.44 -12.93 -25.97
N LYS B 201 -15.05 -13.78 -25.15
CA LYS B 201 -14.99 -15.21 -25.40
C LYS B 201 -15.60 -15.56 -26.75
N SER B 202 -16.76 -14.98 -27.06
CA SER B 202 -17.40 -15.25 -28.36
C SER B 202 -16.53 -14.76 -29.52
N PHE B 203 -15.92 -13.57 -29.37
CA PHE B 203 -15.09 -13.02 -30.43
C PHE B 203 -13.85 -13.87 -30.65
N ASN B 204 -13.21 -14.32 -29.58
CA ASN B 204 -12.03 -15.17 -29.73
C ASN B 204 -12.41 -16.51 -30.35
N ARG B 205 -13.54 -17.08 -29.96
CA ARG B 205 -13.92 -18.39 -30.47
C ARG B 205 -14.23 -18.34 -31.96
N PHE B 206 -14.84 -17.26 -32.43
CA PHE B 206 -15.39 -17.24 -33.79
C PHE B 206 -14.32 -16.93 -34.84
N VAL B 207 -13.73 -15.74 -34.78
CA VAL B 207 -12.91 -15.24 -35.87
C VAL B 207 -11.45 -15.07 -35.48
N PHE B 208 -11.18 -14.60 -34.26
CA PHE B 208 -9.80 -14.29 -33.87
C PHE B 208 -8.93 -15.55 -33.87
N SER B 209 -9.47 -16.66 -33.35
CA SER B 209 -8.70 -17.89 -33.29
C SER B 209 -8.35 -18.40 -34.69
N ALA B 210 -9.31 -18.32 -35.62
CA ALA B 210 -9.08 -18.85 -36.96
C ALA B 210 -7.99 -18.07 -37.68
N SER B 211 -7.99 -16.74 -37.56
CA SER B 211 -7.02 -15.93 -38.29
C SER B 211 -5.63 -16.06 -37.66
N ARG B 212 -5.52 -15.80 -36.35
CA ARG B 212 -4.25 -15.80 -35.63
C ARG B 212 -4.34 -16.81 -34.50
N SER B 213 -3.88 -18.04 -34.76
CA SER B 213 -3.89 -19.08 -33.74
C SER B 213 -2.79 -18.90 -32.71
N TYR B 214 -1.75 -18.13 -33.04
CA TYR B 214 -0.62 -18.00 -32.14
C TYR B 214 -1.00 -17.18 -30.90
N ALA B 215 -1.63 -16.03 -31.10
CA ALA B 215 -2.01 -15.16 -29.99
C ALA B 215 -3.30 -15.57 -29.31
N SER B 216 -4.00 -16.57 -29.86
CA SER B 216 -5.26 -17.01 -29.24
C SER B 216 -5.02 -17.60 -27.87
N ILE B 217 -3.93 -18.34 -27.70
CA ILE B 217 -3.63 -18.95 -26.40
C ILE B 217 -3.41 -17.86 -25.35
N LEU B 218 -2.61 -16.84 -25.70
CA LEU B 218 -2.37 -15.75 -24.77
C LEU B 218 -3.65 -14.96 -24.49
N LEU B 219 -4.50 -14.79 -25.51
CA LEU B 219 -5.76 -14.08 -25.30
C LEU B 219 -6.67 -14.83 -24.35
N VAL B 220 -6.79 -16.15 -24.51
CA VAL B 220 -7.60 -16.96 -23.60
C VAL B 220 -7.02 -16.92 -22.20
N PHE B 221 -5.69 -16.98 -22.10
CA PHE B 221 -5.01 -16.86 -20.81
C PHE B 221 -5.38 -15.56 -20.11
N LEU B 222 -5.29 -14.44 -20.81
CA LEU B 222 -5.59 -13.15 -20.21
C LEU B 222 -7.06 -13.00 -19.88
N ILE B 223 -7.93 -13.57 -20.72
CA ILE B 223 -9.37 -13.53 -20.43
C ILE B 223 -9.68 -14.29 -19.15
N ASN B 224 -9.07 -15.46 -18.98
CA ASN B 224 -9.28 -16.23 -17.75
C ASN B 224 -8.72 -15.48 -16.54
N LYS B 225 -7.58 -14.82 -16.71
CA LYS B 225 -7.04 -14.03 -15.60
C LYS B 225 -8.00 -12.92 -15.20
N LEU B 226 -8.56 -12.21 -16.18
CA LEU B 226 -9.53 -11.15 -15.88
C LEU B 226 -10.78 -11.72 -15.23
N GLU B 227 -11.26 -12.87 -15.69
CA GLU B 227 -12.44 -13.49 -15.11
C GLU B 227 -12.19 -13.87 -13.65
N ARG B 228 -11.03 -14.45 -13.35
CA ARG B 228 -10.70 -14.79 -11.97
C ARG B 228 -10.62 -13.55 -11.10
N GLU B 229 -10.00 -12.49 -11.60
CA GLU B 229 -9.90 -11.26 -10.83
C GLU B 229 -11.28 -10.67 -10.56
N LEU B 230 -12.16 -10.70 -11.56
CA LEU B 230 -13.51 -10.19 -11.38
C LEU B 230 -14.28 -11.01 -10.36
N LYS B 231 -14.13 -12.34 -10.41
CA LYS B 231 -14.80 -13.21 -9.44
C LYS B 231 -14.32 -12.92 -8.03
N PHE B 232 -13.01 -12.72 -7.85
CA PHE B 232 -12.51 -12.37 -6.53
C PHE B 232 -13.02 -10.99 -6.09
N ALA B 233 -13.05 -10.03 -7.00
CA ALA B 233 -13.40 -8.66 -6.64
C ALA B 233 -14.87 -8.53 -6.26
N GLU B 234 -15.74 -9.29 -6.93
CA GLU B 234 -17.17 -9.19 -6.62
C GLU B 234 -17.46 -9.64 -5.19
N SER B 235 -16.82 -10.72 -4.75
CA SER B 235 -17.05 -11.22 -3.40
C SER B 235 -16.40 -10.32 -2.36
N ASN B 236 -15.21 -9.80 -2.64
CA ASN B 236 -14.46 -8.97 -1.70
C ASN B 236 -14.36 -7.56 -2.28
N ARG B 237 -15.20 -6.66 -1.77
CA ARG B 237 -15.24 -5.30 -2.29
C ARG B 237 -14.27 -4.38 -1.55
N ALA B 238 -14.11 -4.58 -0.24
CA ALA B 238 -13.29 -3.68 0.56
C ALA B 238 -11.79 -3.96 0.44
N ASN B 239 -11.40 -5.02 -0.26
CA ASN B 239 -9.99 -5.39 -0.40
C ASN B 239 -9.58 -5.43 -1.87
N SER B 240 -9.98 -4.42 -2.64
CA SER B 240 -9.62 -4.34 -4.05
C SER B 240 -9.58 -2.89 -4.48
N SER B 241 -8.91 -2.65 -5.60
CA SER B 241 -8.72 -1.31 -6.15
C SER B 241 -9.00 -1.30 -7.64
N PRO B 242 -9.42 -0.15 -8.19
CA PRO B 242 -9.71 -0.09 -9.63
C PRO B 242 -8.49 -0.23 -10.52
N LYS B 243 -7.29 0.04 -10.00
CA LYS B 243 -6.11 0.03 -10.85
C LYS B 243 -5.82 -1.35 -11.41
N GLN B 244 -6.01 -2.40 -10.60
CA GLN B 244 -5.76 -3.76 -11.08
C GLN B 244 -6.71 -4.13 -12.21
N ILE B 245 -7.99 -3.83 -12.05
CA ILE B 245 -8.98 -4.14 -13.08
C ILE B 245 -8.68 -3.35 -14.35
N PHE B 246 -8.35 -2.08 -14.20
CA PHE B 246 -8.01 -1.27 -15.36
C PHE B 246 -6.78 -1.82 -16.08
N ASP B 247 -5.77 -2.25 -15.32
CA ASP B 247 -4.58 -2.81 -15.93
C ASP B 247 -4.90 -4.07 -16.72
N LEU B 248 -5.74 -4.95 -16.15
CA LEU B 248 -6.10 -6.17 -16.86
C LEU B 248 -6.87 -5.87 -18.15
N ILE B 249 -7.85 -4.98 -18.08
CA ILE B 249 -8.62 -4.65 -19.28
C ILE B 249 -7.74 -3.99 -20.34
N ASP B 250 -6.88 -3.06 -19.92
CA ASP B 250 -5.99 -2.39 -20.87
C ASP B 250 -5.03 -3.39 -21.51
N ASP B 251 -4.56 -4.36 -20.73
CA ASP B 251 -3.66 -5.37 -21.27
C ASP B 251 -4.37 -6.22 -22.33
N ILE B 252 -5.61 -6.61 -22.04
CA ILE B 252 -6.39 -7.37 -23.01
C ILE B 252 -6.61 -6.55 -24.27
N TYR B 253 -6.93 -5.27 -24.12
CA TYR B 253 -7.15 -4.40 -25.27
C TYR B 253 -5.89 -4.30 -26.13
N SER B 254 -4.74 -4.07 -25.49
CA SER B 254 -3.49 -3.90 -26.23
C SER B 254 -3.10 -5.18 -26.97
N LEU B 255 -3.33 -6.34 -26.34
CA LEU B 255 -2.99 -7.59 -27.01
C LEU B 255 -3.79 -7.76 -28.30
N ILE B 256 -5.07 -7.41 -28.27
CA ILE B 256 -5.88 -7.51 -29.49
C ILE B 256 -5.39 -6.52 -30.54
N GLN B 257 -5.09 -5.29 -30.15
CA GLN B 257 -4.66 -4.29 -31.11
C GLN B 257 -3.36 -4.69 -31.79
N LEU B 258 -2.44 -5.31 -31.05
CA LEU B 258 -1.13 -5.62 -31.61
C LEU B 258 -1.22 -6.56 -32.81
N ASN B 259 -2.07 -7.58 -32.73
CA ASN B 259 -2.23 -8.54 -33.81
C ASN B 259 -3.52 -8.37 -34.59
N LEU B 260 -4.17 -7.20 -34.48
CA LEU B 260 -5.46 -7.00 -35.10
C LEU B 260 -5.36 -6.94 -36.63
N ASP B 261 -4.17 -6.63 -37.15
CA ASP B 261 -3.87 -6.51 -38.58
C ASP B 261 -4.59 -5.32 -39.20
N LYS B 262 -5.20 -4.46 -38.38
CA LYS B 262 -5.80 -3.23 -38.86
C LYS B 262 -4.74 -2.13 -38.85
N VAL B 263 -5.18 -0.86 -38.94
CA VAL B 263 -4.24 0.26 -38.97
C VAL B 263 -3.25 0.15 -37.83
N GLU B 264 -1.99 0.44 -38.14
CA GLU B 264 -0.90 0.25 -37.17
C GLU B 264 -0.99 1.21 -35.99
N GLU B 265 -1.72 2.31 -36.12
CA GLU B 265 -1.84 3.28 -35.04
C GLU B 265 -2.87 2.77 -34.03
N LEU B 266 -2.41 2.56 -32.80
CA LEU B 266 -3.25 2.06 -31.73
C LEU B 266 -3.56 3.19 -30.76
N ASP B 267 -4.82 3.30 -30.36
CA ASP B 267 -5.26 4.34 -29.44
C ASP B 267 -5.05 3.85 -28.01
N SER B 268 -4.26 4.60 -27.24
CA SER B 268 -3.90 4.23 -25.88
C SER B 268 -4.56 5.20 -24.91
N ILE B 269 -5.19 4.66 -23.87
CA ILE B 269 -5.82 5.45 -22.82
C ILE B 269 -5.03 5.24 -21.53
N GLU B 270 -4.75 6.34 -20.83
CA GLU B 270 -3.99 6.29 -19.58
C GLU B 270 -4.93 6.34 -18.39
N PHE B 271 -4.67 5.50 -17.40
CA PHE B 271 -5.45 5.54 -16.16
C PHE B 271 -5.19 6.85 -15.44
N ASP B 272 -6.24 7.39 -14.84
CA ASP B 272 -6.15 8.62 -14.05
C ASP B 272 -6.68 8.34 -12.65
N PHE B 273 -5.87 8.67 -11.63
CA PHE B 273 -6.30 8.48 -10.27
C PHE B 273 -7.36 9.49 -9.83
N GLN B 274 -7.63 10.51 -10.65
CA GLN B 274 -8.66 11.48 -10.34
C GLN B 274 -10.01 11.11 -10.92
N LYS B 275 -10.04 10.40 -12.06
CA LYS B 275 -11.28 9.97 -12.70
C LYS B 275 -11.18 8.49 -13.07
N PRO B 276 -11.19 7.60 -12.07
CA PRO B 276 -11.03 6.16 -12.40
C PRO B 276 -12.27 5.55 -13.02
N LEU B 277 -13.46 5.89 -12.53
CA LEU B 277 -14.69 5.33 -13.09
C LEU B 277 -14.87 5.74 -14.54
N THR B 278 -14.55 6.99 -14.87
CA THR B 278 -14.65 7.45 -16.25
C THR B 278 -13.72 6.64 -17.16
N LYS B 279 -12.48 6.43 -16.72
CA LYS B 279 -11.54 5.66 -17.52
C LYS B 279 -12.00 4.22 -17.70
N LEU B 280 -12.52 3.61 -16.63
CA LEU B 280 -13.03 2.25 -16.74
C LEU B 280 -14.18 2.17 -17.73
N ASN B 281 -15.11 3.13 -17.66
CA ASN B 281 -16.25 3.12 -18.57
C ASN B 281 -15.81 3.31 -20.02
N LEU B 282 -14.90 4.25 -20.26
CA LEU B 282 -14.41 4.47 -21.63
C LEU B 282 -13.68 3.23 -22.16
N LEU B 283 -12.84 2.61 -21.33
CA LEU B 283 -12.14 1.42 -21.78
C LEU B 283 -13.09 0.28 -22.09
N ALA B 284 -14.10 0.08 -21.24
CA ALA B 284 -15.09 -0.97 -21.49
C ALA B 284 -15.87 -0.69 -22.77
N ASP B 285 -16.27 0.56 -22.98
CA ASP B 285 -17.03 0.90 -24.19
C ASP B 285 -16.19 0.68 -25.44
N ARG B 286 -14.92 1.10 -25.41
CA ARG B 286 -14.06 0.90 -26.57
C ARG B 286 -13.83 -0.59 -26.83
N LEU B 287 -13.65 -1.38 -25.77
CA LEU B 287 -13.45 -2.81 -25.93
C LEU B 287 -14.69 -3.46 -26.53
N LEU B 288 -15.88 -3.08 -26.07
CA LEU B 288 -17.11 -3.63 -26.63
C LEU B 288 -17.28 -3.22 -28.10
N THR B 289 -16.95 -1.96 -28.42
CA THR B 289 -17.07 -1.50 -29.80
C THR B 289 -16.14 -2.28 -30.72
N LEU B 290 -14.91 -2.54 -30.27
CA LEU B 290 -13.98 -3.31 -31.10
C LEU B 290 -14.41 -4.78 -31.17
N CYS B 291 -15.00 -5.32 -30.10
CA CYS B 291 -15.37 -6.72 -30.09
C CYS B 291 -16.59 -7.00 -30.94
N GLU B 292 -17.50 -6.03 -31.05
CA GLU B 292 -18.70 -6.24 -31.87
C GLU B 292 -18.35 -6.45 -33.34
N TYR B 293 -17.20 -5.93 -33.77
CA TYR B 293 -16.70 -6.12 -35.13
C TYR B 293 -17.71 -5.66 -36.18
N MET C 26 -20.31 5.35 18.02
CA MET C 26 -20.30 6.79 18.19
C MET C 26 -18.88 7.34 17.97
N PHE C 27 -18.76 8.33 17.10
CA PHE C 27 -17.47 8.86 16.69
C PHE C 27 -17.30 10.24 17.32
N LEU C 28 -16.45 10.33 18.34
CA LEU C 28 -16.43 11.47 19.26
C LEU C 28 -15.51 12.61 18.84
N GLU C 29 -14.78 12.48 17.73
CA GLU C 29 -13.88 13.54 17.24
C GLU C 29 -12.90 13.90 18.34
N ARG C 30 -12.86 15.13 18.82
CA ARG C 30 -11.96 15.55 19.88
C ARG C 30 -12.76 16.07 21.07
N ILE C 31 -12.07 16.22 22.20
CA ILE C 31 -12.72 16.68 23.43
C ILE C 31 -12.97 18.18 23.34
N TYR C 32 -13.96 18.64 24.12
CA TYR C 32 -14.36 20.05 24.15
C TYR C 32 -13.75 20.70 25.38
N TRP C 33 -12.81 21.62 25.16
CA TRP C 33 -12.12 22.29 26.24
C TRP C 33 -12.65 23.70 26.52
N GLU C 34 -13.36 24.30 25.57
CA GLU C 34 -13.68 25.73 25.63
C GLU C 34 -14.57 26.08 26.82
N ASP C 35 -15.25 25.10 27.42
CA ASP C 35 -16.12 25.40 28.55
C ASP C 35 -15.32 25.94 29.75
N GLY C 36 -14.17 25.35 30.02
CA GLY C 36 -13.39 25.74 31.17
C GLY C 36 -13.84 25.02 32.42
N LEU C 37 -12.91 24.38 33.12
CA LEU C 37 -13.23 23.60 34.31
C LEU C 37 -11.94 23.35 35.08
N ARG C 38 -12.09 23.02 36.36
CA ARG C 38 -10.93 22.71 37.19
C ARG C 38 -10.16 21.54 36.62
N LEU C 39 -8.90 21.77 36.28
CA LEU C 39 -8.09 20.77 35.57
C LEU C 39 -7.75 19.64 36.53
N ASP C 40 -8.46 18.51 36.40
CA ASP C 40 -8.16 17.31 37.14
C ASP C 40 -7.52 16.28 36.23
N SER C 41 -7.03 15.19 36.84
CA SER C 41 -6.38 14.14 36.08
C SER C 41 -7.35 13.42 35.15
N ASP C 42 -8.62 13.32 35.56
CA ASP C 42 -9.60 12.57 34.77
C ASP C 42 -9.79 13.20 33.39
N ILE C 43 -9.90 14.53 33.34
CA ILE C 43 -10.15 15.18 32.05
C ILE C 43 -8.94 15.06 31.14
N LEU C 44 -7.73 15.13 31.70
CA LEU C 44 -6.53 14.99 30.88
C LEU C 44 -6.40 13.57 30.34
N ASP C 45 -6.66 12.56 31.18
CA ASP C 45 -6.61 11.19 30.71
C ASP C 45 -7.67 10.94 29.64
N LYS C 46 -8.87 11.49 29.82
CA LYS C 46 -9.92 11.33 28.82
C LYS C 46 -9.53 12.00 27.50
N SER C 47 -8.93 13.19 27.58
CA SER C 47 -8.49 13.86 26.37
C SER C 47 -7.44 13.05 25.63
N ASN C 48 -6.45 12.53 26.37
CA ASN C 48 -5.42 11.72 25.73
C ASN C 48 -6.00 10.47 25.09
N LEU C 49 -6.92 9.80 25.80
CA LEU C 49 -7.54 8.60 25.26
C LEU C 49 -8.35 8.91 24.01
N SER C 50 -9.10 10.02 24.02
CA SER C 50 -9.89 10.39 22.85
C SER C 50 -9.00 10.70 21.65
N VAL C 51 -7.89 11.42 21.88
CA VAL C 51 -6.97 11.74 20.79
C VAL C 51 -6.39 10.47 20.22
N LEU C 52 -5.95 9.55 21.08
CA LEU C 52 -5.37 8.30 20.61
C LEU C 52 -6.39 7.49 19.81
N GLU C 53 -7.62 7.39 20.31
CA GLU C 53 -8.66 6.64 19.61
C GLU C 53 -8.97 7.25 18.26
N ARG C 54 -9.10 8.58 18.20
CA ARG C 54 -9.39 9.25 16.94
C ARG C 54 -8.29 9.01 15.92
N LEU C 55 -7.03 9.19 16.32
CA LEU C 55 -5.94 9.06 15.36
C LEU C 55 -5.71 7.60 14.96
N SER C 56 -6.00 6.66 15.86
CA SER C 56 -5.90 5.25 15.50
C SER C 56 -7.00 4.85 14.53
N THR C 57 -8.21 5.39 14.72
CA THR C 57 -9.30 5.12 13.78
C THR C 57 -9.00 5.70 12.41
N ALA C 58 -8.43 6.90 12.36
CA ALA C 58 -8.14 7.53 11.08
C ALA C 58 -7.02 6.82 10.30
N SER C 59 -6.27 5.95 10.95
CA SER C 59 -5.13 5.31 10.31
C SER C 59 -5.59 4.32 9.24
N TYR C 60 -4.67 3.99 8.32
CA TYR C 60 -4.96 3.13 7.19
C TYR C 60 -3.95 2.00 7.13
N LEU C 61 -4.42 0.83 6.70
CA LEU C 61 -3.60 -0.36 6.56
C LEU C 61 -3.76 -0.92 5.16
N PRO C 62 -2.75 -1.65 4.65
CA PRO C 62 -2.84 -2.16 3.28
C PRO C 62 -4.03 -3.08 3.08
N ALA C 63 -4.64 -2.97 1.89
CA ALA C 63 -5.83 -3.72 1.53
C ALA C 63 -7.01 -3.45 2.45
N ASN C 64 -6.98 -2.32 3.17
CA ASN C 64 -8.06 -1.91 4.07
C ASN C 64 -8.39 -3.00 5.09
N LEU C 65 -7.36 -3.44 5.81
CA LEU C 65 -7.49 -4.46 6.83
C LEU C 65 -7.63 -3.83 8.20
N ASN C 66 -8.37 -4.52 9.08
CA ASN C 66 -8.56 -4.05 10.45
C ASN C 66 -7.60 -4.67 11.44
N LYS C 67 -6.95 -5.78 11.08
CA LYS C 67 -6.01 -6.45 11.95
C LYS C 67 -5.06 -7.29 11.11
N GLY C 68 -3.91 -7.60 11.68
CA GLY C 68 -2.93 -8.40 10.98
C GLY C 68 -1.68 -8.59 11.81
N ILE C 69 -0.79 -9.44 11.30
CA ILE C 69 0.47 -9.75 11.92
C ILE C 69 1.58 -9.25 11.01
N VAL C 70 2.50 -8.44 11.56
CA VAL C 70 3.56 -7.84 10.77
C VAL C 70 4.87 -8.56 11.02
N SER C 71 5.04 -9.14 12.21
CA SER C 71 6.22 -9.94 12.51
C SER C 71 5.94 -10.83 13.70
N PHE C 72 6.27 -12.12 13.58
CA PHE C 72 6.06 -13.08 14.66
C PHE C 72 7.02 -14.25 14.46
N ASP C 73 8.05 -14.34 15.30
CA ASP C 73 9.04 -15.39 15.21
C ASP C 73 9.29 -15.97 16.59
N LEU C 74 9.56 -17.26 16.64
CA LEU C 74 9.79 -17.98 17.88
C LEU C 74 11.02 -18.87 17.74
N ASP C 75 11.66 -19.14 18.88
CA ASP C 75 12.84 -20.00 18.89
C ASP C 75 12.47 -21.45 18.66
N VAL C 76 13.29 -22.15 17.89
CA VAL C 76 13.05 -23.56 17.60
C VAL C 76 14.27 -24.39 17.96
N LEU C 83 8.91 -26.26 25.27
CA LEU C 83 9.10 -24.85 25.59
C LEU C 83 8.90 -23.98 24.36
N ILE C 84 8.09 -22.94 24.50
CA ILE C 84 7.83 -21.98 23.43
C ILE C 84 8.44 -20.65 23.86
N LEU C 85 9.44 -20.19 23.13
CA LEU C 85 10.13 -18.94 23.42
C LEU C 85 9.89 -17.96 22.29
N ILE C 86 9.45 -16.74 22.63
CA ILE C 86 9.10 -15.72 21.66
C ILE C 86 10.28 -14.77 21.49
N LYS C 87 10.72 -14.60 20.24
CA LYS C 87 11.80 -13.68 19.91
C LYS C 87 11.28 -12.34 19.38
N ASP C 88 10.42 -12.36 18.37
CA ASP C 88 9.85 -11.16 17.78
C ASP C 88 8.34 -11.27 17.77
N LEU C 89 7.66 -10.23 18.24
CA LEU C 89 6.19 -10.20 18.27
C LEU C 89 5.72 -8.80 17.92
N LYS C 90 4.97 -8.68 16.83
CA LYS C 90 4.45 -7.40 16.37
C LYS C 90 3.23 -7.67 15.51
N LEU C 91 2.08 -7.12 15.89
CA LEU C 91 0.84 -7.42 15.19
C LEU C 91 -0.16 -6.31 15.47
N TYR C 92 -1.21 -6.28 14.66
CA TYR C 92 -2.35 -5.38 14.81
C TYR C 92 -3.55 -6.18 15.27
N LEU C 93 -4.12 -5.81 16.42
CA LEU C 93 -5.32 -6.47 16.92
C LEU C 93 -6.55 -5.90 16.21
N ASP C 94 -7.72 -6.35 16.64
CA ASP C 94 -8.96 -5.89 16.05
C ASP C 94 -9.15 -4.40 16.34
N GLU C 95 -9.83 -3.72 15.41
CA GLU C 95 -10.01 -2.27 15.45
C GLU C 95 -8.69 -1.52 15.42
N LYS C 96 -7.70 -2.08 14.71
CA LYS C 96 -6.40 -1.44 14.50
C LYS C 96 -5.71 -1.10 15.83
N ASN C 97 -5.63 -2.09 16.71
CA ASN C 97 -4.90 -1.95 17.96
C ASN C 97 -3.48 -2.48 17.79
N PHE C 98 -2.50 -1.65 18.14
CA PHE C 98 -1.10 -1.95 17.90
C PHE C 98 -0.47 -2.57 19.15
N VAL C 99 0.19 -3.71 18.96
CA VAL C 99 0.85 -4.43 20.05
C VAL C 99 2.31 -4.63 19.67
N PHE C 100 3.22 -4.20 20.54
CA PHE C 100 4.64 -4.33 20.33
C PHE C 100 5.27 -5.01 21.53
N TYR C 101 6.26 -5.87 21.28
CA TYR C 101 6.91 -6.66 22.31
C TYR C 101 8.32 -6.11 22.53
N ASP C 102 8.58 -5.63 23.74
CA ASP C 102 9.92 -5.21 24.12
C ASP C 102 10.73 -6.41 24.57
N LYS C 103 12.01 -6.42 24.19
CA LYS C 103 12.91 -7.51 24.56
C LYS C 103 13.42 -7.39 25.99
N SER C 104 12.81 -6.55 26.81
CA SER C 104 13.28 -6.36 28.18
C SER C 104 13.05 -7.61 29.03
N TYR C 105 11.92 -8.29 28.84
CA TYR C 105 11.63 -9.45 29.67
C TYR C 105 11.35 -10.68 28.80
N PRO C 106 11.63 -11.88 29.31
CA PRO C 106 11.35 -13.08 28.52
C PRO C 106 9.86 -13.33 28.37
N LEU C 107 9.50 -14.05 27.32
CA LEU C 107 8.11 -14.38 26.99
C LEU C 107 8.06 -15.86 26.64
N SER C 108 7.79 -16.70 27.64
CA SER C 108 7.77 -18.14 27.46
C SER C 108 6.61 -18.74 28.25
N LEU C 109 6.24 -19.96 27.90
CA LEU C 109 5.13 -20.67 28.55
C LEU C 109 5.54 -21.94 29.26
N GLN C 110 6.39 -22.76 28.64
CA GLN C 110 6.96 -23.95 29.27
C GLN C 110 5.85 -24.92 29.71
N ILE C 111 5.16 -25.47 28.70
CA ILE C 111 4.13 -26.46 28.98
C ILE C 111 4.78 -27.76 29.47
N MET C 112 3.97 -28.59 30.12
CA MET C 112 4.42 -29.87 30.63
C MET C 112 3.33 -30.91 30.41
N THR C 113 3.75 -32.17 30.36
CA THR C 113 2.82 -33.28 30.16
C THR C 113 3.17 -34.45 31.07
N GLU C 119 -3.43 -30.78 20.11
CA GLU C 119 -4.32 -29.62 20.02
C GLU C 119 -4.16 -28.74 21.26
N ILE C 120 -3.14 -27.89 21.24
CA ILE C 120 -2.82 -27.00 22.35
C ILE C 120 -2.91 -25.57 21.85
N PRO C 121 -4.00 -24.87 22.14
CA PRO C 121 -4.11 -23.46 21.75
C PRO C 121 -3.15 -22.59 22.54
N LEU C 122 -2.72 -21.50 21.91
CA LEU C 122 -1.85 -20.50 22.52
C LEU C 122 -2.56 -19.17 22.54
N PHE C 123 -2.53 -18.50 23.69
CA PHE C 123 -3.24 -17.24 23.88
C PHE C 123 -2.27 -16.14 24.29
N LEU C 124 -2.63 -14.90 23.97
CA LEU C 124 -1.85 -13.73 24.32
C LEU C 124 -2.64 -12.87 25.29
N ASN C 125 -2.04 -12.54 26.43
CA ASN C 125 -2.69 -11.76 27.46
C ASN C 125 -2.01 -10.40 27.58
N ILE C 126 -2.81 -9.34 27.63
CA ILE C 126 -2.29 -7.99 27.78
C ILE C 126 -2.88 -7.40 29.05
N ARG C 127 -2.02 -7.03 29.99
CA ARG C 127 -2.42 -6.39 31.23
C ARG C 127 -1.63 -5.09 31.39
N GLU C 128 -2.34 -4.01 31.68
CA GLU C 128 -1.71 -2.71 31.85
C GLU C 128 -1.28 -2.51 33.30
N LYS C 129 -0.16 -1.83 33.49
CA LYS C 129 0.37 -1.58 34.81
C LYS C 129 1.15 -0.27 34.80
N VAL C 130 1.36 0.28 35.99
CA VAL C 130 1.99 1.58 36.15
C VAL C 130 3.45 1.37 36.51
N ILE C 131 4.34 2.00 35.74
CA ILE C 131 5.77 1.99 36.01
C ILE C 131 6.26 3.43 36.05
N GLU C 132 7.39 3.64 36.72
CA GLU C 132 7.99 4.96 36.84
C GLU C 132 9.37 4.96 36.17
N LYS C 133 9.62 5.97 35.35
CA LYS C 133 10.89 6.13 34.67
C LYS C 133 11.38 7.55 34.93
N ASN C 134 12.65 7.67 35.32
CA ASN C 134 13.36 8.90 35.68
C ASN C 134 12.46 9.92 36.36
N GLY C 135 11.69 9.47 37.36
CA GLY C 135 10.86 10.35 38.15
C GLY C 135 9.49 10.66 37.56
N VAL C 136 9.13 10.05 36.43
CA VAL C 136 7.86 10.32 35.77
C VAL C 136 7.08 9.01 35.67
N LYS C 137 5.84 9.03 36.10
CA LYS C 137 4.98 7.85 35.99
C LYS C 137 4.50 7.65 34.56
N TYR C 138 4.28 6.39 34.20
CA TYR C 138 3.86 6.03 32.86
C TYR C 138 2.90 4.85 32.93
N ILE C 139 2.37 4.47 31.77
CA ILE C 139 1.47 3.33 31.64
C ILE C 139 2.16 2.31 30.73
N TYR C 140 2.26 1.07 31.20
CA TYR C 140 2.95 0.03 30.47
C TYR C 140 1.99 -1.11 30.13
N ASN C 141 2.29 -1.83 29.06
CA ASN C 141 1.53 -2.99 28.65
C ASN C 141 2.41 -4.23 28.84
N GLN C 142 1.91 -5.20 29.59
CA GLN C 142 2.64 -6.43 29.88
C GLN C 142 2.03 -7.59 29.10
N LEU C 143 2.87 -8.34 28.41
CA LEU C 143 2.43 -9.47 27.61
C LEU C 143 2.67 -10.78 28.35
N SER C 144 1.80 -11.75 28.11
CA SER C 144 1.88 -13.05 28.77
C SER C 144 1.29 -14.11 27.86
N LEU C 145 1.62 -15.36 28.16
CA LEU C 145 1.11 -16.50 27.42
C LEU C 145 0.33 -17.42 28.37
N SER C 146 -0.78 -17.94 27.87
CA SER C 146 -1.63 -18.82 28.67
C SER C 146 -2.14 -19.95 27.78
N LEU C 147 -2.59 -21.03 28.43
CA LEU C 147 -3.09 -22.19 27.69
C LEU C 147 -4.49 -21.98 27.14
N GLU C 148 -5.34 -21.24 27.86
CA GLU C 148 -6.71 -21.03 27.45
C GLU C 148 -7.08 -19.57 27.67
N HIS C 149 -8.30 -19.22 27.29
CA HIS C 149 -8.80 -17.87 27.48
C HIS C 149 -8.92 -17.54 28.96
N SER C 150 -8.66 -16.28 29.31
CA SER C 150 -8.70 -15.83 30.69
C SER C 150 -9.47 -14.52 30.78
N TYR C 151 -10.07 -14.29 31.93
CA TYR C 151 -10.79 -13.07 32.22
C TYR C 151 -9.94 -12.14 33.08
N GLY C 152 -10.45 -10.93 33.30
CA GLY C 152 -9.71 -9.95 34.06
C GLY C 152 -8.54 -9.34 33.33
N PHE C 153 -8.52 -9.42 32.00
CA PHE C 153 -7.45 -8.88 31.18
C PHE C 153 -8.03 -7.94 30.13
N LYS C 154 -7.22 -6.96 29.73
CA LYS C 154 -7.66 -6.03 28.70
C LYS C 154 -7.90 -6.74 27.37
N HIS C 155 -7.04 -7.69 27.03
CA HIS C 155 -7.18 -8.46 25.80
C HIS C 155 -6.76 -9.90 26.05
N SER C 156 -7.43 -10.82 25.36
CA SER C 156 -7.07 -12.24 25.40
C SER C 156 -7.48 -12.84 24.05
N ILE C 157 -6.52 -12.93 23.13
CA ILE C 157 -6.77 -13.40 21.78
C ILE C 157 -5.84 -14.55 21.47
N GLN C 158 -6.38 -15.63 20.92
CA GLN C 158 -5.55 -16.74 20.50
C GLN C 158 -4.76 -16.35 19.25
N ILE C 159 -3.47 -16.65 19.26
CA ILE C 159 -2.59 -16.25 18.16
C ILE C 159 -1.92 -17.44 17.46
N ALA C 160 -1.87 -18.61 18.09
CA ALA C 160 -1.20 -19.74 17.46
C ALA C 160 -1.83 -21.04 17.95
N LEU C 161 -1.64 -22.10 17.17
CA LEU C 161 -2.12 -23.44 17.49
C LEU C 161 -0.95 -24.41 17.41
N PHE C 162 -0.79 -25.23 18.45
CA PHE C 162 0.31 -26.17 18.54
C PHE C 162 -0.21 -27.57 18.84
N ARG C 163 0.40 -28.57 18.22
CA ARG C 163 0.09 -29.97 18.46
C ARG C 163 1.38 -30.71 18.75
N LEU C 164 1.41 -31.45 19.86
CA LEU C 164 2.60 -32.18 20.27
C LEU C 164 2.37 -33.68 20.14
N ASP C 165 3.41 -34.37 19.70
CA ASP C 165 3.41 -35.84 19.62
C ASP C 165 4.74 -36.32 20.18
N ARG C 166 4.69 -36.99 21.34
CA ARG C 166 5.88 -37.40 22.08
C ARG C 166 6.75 -36.18 22.39
N GLY C 167 6.11 -35.11 22.84
CA GLY C 167 6.82 -33.91 23.28
C GLY C 167 7.62 -33.19 22.21
N ARG C 168 7.04 -32.98 21.03
CA ARG C 168 7.75 -32.32 19.95
C ARG C 168 7.18 -30.95 19.58
N LEU C 169 5.89 -30.71 19.83
CA LEU C 169 5.25 -29.43 19.52
C LEU C 169 5.37 -29.06 18.05
N VAL C 170 4.75 -29.87 17.21
CA VAL C 170 4.72 -29.59 15.76
C VAL C 170 3.84 -28.37 15.53
N PRO C 171 4.31 -27.36 14.79
CA PRO C 171 3.48 -26.17 14.54
C PRO C 171 2.27 -26.49 13.69
N GLU C 172 1.20 -25.72 13.90
CA GLU C 172 -0.06 -25.91 13.19
C GLU C 172 -0.54 -24.58 12.65
N ILE C 173 -1.36 -24.66 11.59
CA ILE C 173 -1.86 -23.47 10.91
C ILE C 173 -3.04 -22.90 11.70
N TYR C 174 -2.99 -21.60 11.95
CA TYR C 174 -4.10 -20.87 12.56
C TYR C 174 -4.53 -19.75 11.61
N ASP C 175 -5.83 -19.48 11.58
CA ASP C 175 -6.40 -18.51 10.64
C ASP C 175 -6.30 -17.11 11.25
N PHE C 176 -5.49 -16.26 10.63
CA PHE C 176 -5.28 -14.88 11.04
C PHE C 176 -4.59 -14.13 9.91
N PRO C 177 -5.05 -12.93 9.56
CA PRO C 177 -4.39 -12.17 8.50
C PRO C 177 -2.99 -11.74 8.92
N LEU C 178 -2.08 -11.70 7.95
CA LEU C 178 -0.72 -11.24 8.18
C LEU C 178 -0.31 -10.32 7.06
N LEU C 179 0.39 -9.24 7.40
CA LEU C 179 0.72 -8.21 6.43
C LEU C 179 2.02 -8.53 5.70
N THR C 180 3.07 -8.88 6.43
CA THR C 180 4.35 -9.23 5.86
C THR C 180 4.46 -10.75 5.71
N LEU C 181 5.65 -11.22 5.39
CA LEU C 181 5.87 -12.63 5.11
C LEU C 181 6.77 -13.31 6.13
N ASN C 182 7.22 -12.59 7.17
CA ASN C 182 8.11 -13.16 8.18
C ASN C 182 7.30 -13.79 9.33
N HIS C 183 6.64 -14.90 8.99
CA HIS C 183 5.91 -15.70 9.95
C HIS C 183 6.64 -17.02 10.17
N TYR C 184 6.52 -17.56 11.39
CA TYR C 184 7.29 -18.74 11.76
C TYR C 184 6.91 -19.98 10.93
N TYR C 185 5.73 -19.99 10.31
CA TYR C 185 5.30 -21.13 9.53
C TYR C 185 5.78 -21.09 8.09
N LEU C 186 6.40 -20.00 7.64
CA LEU C 186 6.76 -19.86 6.24
C LEU C 186 7.89 -20.78 5.80
N GLY C 187 8.65 -21.36 6.73
CA GLY C 187 9.73 -22.25 6.32
C GLY C 187 9.21 -23.50 5.61
N ASP C 188 8.18 -24.12 6.19
CA ASP C 188 7.59 -25.30 5.56
C ASP C 188 6.99 -24.95 4.21
N ILE C 189 6.33 -23.79 4.13
CA ILE C 189 5.72 -23.37 2.87
C ILE C 189 6.80 -23.14 1.81
N PHE C 190 7.92 -22.53 2.20
CA PHE C 190 9.00 -22.30 1.25
C PHE C 190 9.60 -23.63 0.77
N VAL C 191 9.78 -24.59 1.67
CA VAL C 191 10.30 -25.89 1.27
C VAL C 191 9.34 -26.57 0.30
N LYS C 192 8.05 -26.54 0.62
CA LYS C 192 7.06 -27.16 -0.26
C LYS C 192 7.02 -26.47 -1.61
N LEU C 193 7.19 -25.13 -1.63
CA LEU C 193 7.15 -24.40 -2.88
C LEU C 193 8.37 -24.70 -3.74
N ASN C 194 9.55 -24.86 -3.12
CA ASN C 194 10.73 -25.26 -3.87
C ASN C 194 10.55 -26.65 -4.47
N ARG C 195 10.00 -27.58 -3.68
CA ARG C 195 9.70 -28.90 -4.20
C ARG C 195 8.71 -28.83 -5.35
N THR C 196 7.71 -27.96 -5.22
CA THR C 196 6.71 -27.78 -6.27
C THR C 196 7.34 -27.23 -7.55
N VAL C 197 8.29 -26.30 -7.40
CA VAL C 197 8.97 -25.75 -8.57
C VAL C 197 9.76 -26.84 -9.28
N SER C 198 10.49 -27.66 -8.51
CA SER C 198 11.23 -28.75 -9.13
C SER C 198 10.29 -29.74 -9.83
N GLU C 199 9.17 -30.07 -9.18
CA GLU C 199 8.20 -30.99 -9.78
C GLU C 199 7.61 -30.39 -11.05
N LEU C 200 7.32 -29.09 -11.05
CA LEU C 200 6.78 -28.43 -12.22
C LEU C 200 7.77 -28.46 -13.38
N LYS C 201 9.05 -28.21 -13.08
CA LYS C 201 10.06 -28.30 -14.14
C LYS C 201 10.14 -29.70 -14.72
N SER C 202 10.13 -30.71 -13.86
CA SER C 202 10.18 -32.09 -14.34
C SER C 202 8.94 -32.43 -15.17
N PHE C 203 7.77 -31.99 -14.72
CA PHE C 203 6.52 -32.28 -15.45
C PHE C 203 6.51 -31.61 -16.80
N ASN C 204 6.95 -30.35 -16.87
CA ASN C 204 7.00 -29.65 -18.15
C ASN C 204 8.00 -30.31 -19.10
N ARG C 205 9.15 -30.72 -18.56
CA ARG C 205 10.19 -31.29 -19.41
C ARG C 205 9.76 -32.63 -20.00
N PHE C 206 9.02 -33.43 -19.25
CA PHE C 206 8.79 -34.82 -19.65
C PHE C 206 7.64 -34.95 -20.64
N VAL C 207 6.42 -34.57 -20.24
CA VAL C 207 5.21 -34.89 -20.98
C VAL C 207 4.51 -33.66 -21.52
N PHE C 208 4.46 -32.58 -20.75
CA PHE C 208 3.68 -31.41 -21.15
C PHE C 208 4.26 -30.78 -22.42
N SER C 209 5.59 -30.68 -22.51
CA SER C 209 6.21 -30.08 -23.68
C SER C 209 5.93 -30.89 -24.94
N ALA C 210 6.00 -32.22 -24.83
CA ALA C 210 5.81 -33.07 -26.01
C ALA C 210 4.39 -32.95 -26.56
N SER C 211 3.39 -32.92 -25.69
CA SER C 211 2.01 -32.88 -26.15
C SER C 211 1.66 -31.49 -26.70
N ARG C 212 1.88 -30.45 -25.90
CA ARG C 212 1.52 -29.07 -26.26
C ARG C 212 2.78 -28.21 -26.21
N SER C 213 3.43 -28.06 -27.38
CA SER C 213 4.64 -27.24 -27.45
C SER C 213 4.33 -25.75 -27.42
N TYR C 214 3.10 -25.36 -27.76
CA TYR C 214 2.76 -23.95 -27.84
C TYR C 214 2.76 -23.30 -26.46
N ALA C 215 2.09 -23.93 -25.49
CA ALA C 215 1.99 -23.37 -24.16
C ALA C 215 3.20 -23.67 -23.29
N SER C 216 4.13 -24.49 -23.77
CA SER C 216 5.31 -24.82 -22.98
C SER C 216 6.17 -23.58 -22.73
N ILE C 217 6.29 -22.71 -23.74
CA ILE C 217 7.09 -21.50 -23.58
C ILE C 217 6.50 -20.62 -22.49
N LEU C 218 5.19 -20.41 -22.51
CA LEU C 218 4.54 -19.61 -21.49
C LEU C 218 4.66 -20.26 -20.12
N LEU C 219 4.56 -21.58 -20.06
CA LEU C 219 4.69 -22.28 -18.78
C LEU C 219 6.08 -22.11 -18.19
N VAL C 220 7.12 -22.25 -19.03
CA VAL C 220 8.49 -22.05 -18.55
C VAL C 220 8.69 -20.60 -18.11
N PHE C 221 8.12 -19.66 -18.87
CA PHE C 221 8.17 -18.25 -18.51
C PHE C 221 7.59 -18.02 -17.12
N LEU C 222 6.39 -18.56 -16.87
CA LEU C 222 5.73 -18.34 -15.58
C LEU C 222 6.46 -19.06 -14.45
N ILE C 223 7.03 -20.23 -14.74
CA ILE C 223 7.79 -20.95 -13.73
C ILE C 223 9.02 -20.15 -13.32
N ASN C 224 9.72 -19.56 -14.30
CA ASN C 224 10.88 -18.73 -13.98
C ASN C 224 10.46 -17.49 -13.21
N LYS C 225 9.32 -16.90 -13.56
CA LYS C 225 8.83 -15.75 -12.81
C LYS C 225 8.57 -16.12 -11.34
N LEU C 226 7.92 -17.26 -11.11
CA LEU C 226 7.66 -17.71 -9.75
C LEU C 226 8.96 -17.99 -9.00
N GLU C 227 9.94 -18.60 -9.69
CA GLU C 227 11.22 -18.89 -9.05
C GLU C 227 11.93 -17.61 -8.64
N ARG C 228 11.94 -16.60 -9.52
CA ARG C 228 12.55 -15.33 -9.18
C ARG C 228 11.86 -14.68 -8.00
N GLU C 229 10.52 -14.70 -7.99
CA GLU C 229 9.78 -14.11 -6.87
C GLU C 229 10.09 -14.83 -5.57
N LEU C 230 10.18 -16.16 -5.61
CA LEU C 230 10.50 -16.92 -4.40
C LEU C 230 11.91 -16.59 -3.92
N LYS C 231 12.86 -16.48 -4.84
CA LYS C 231 14.23 -16.14 -4.47
C LYS C 231 14.29 -14.77 -3.81
N PHE C 232 13.56 -13.79 -4.36
CA PHE C 232 13.51 -12.48 -3.72
C PHE C 232 12.85 -12.54 -2.36
N ALA C 233 11.76 -13.30 -2.24
CA ALA C 233 10.98 -13.31 -1.01
C ALA C 233 11.73 -13.98 0.13
N GLU C 234 12.51 -15.03 -0.17
CA GLU C 234 13.24 -15.73 0.88
C GLU C 234 14.26 -14.81 1.54
N SER C 235 14.96 -14.00 0.74
CA SER C 235 15.97 -13.10 1.30
C SER C 235 15.33 -11.93 2.04
N ASN C 236 14.23 -11.40 1.51
CA ASN C 236 13.55 -10.25 2.07
C ASN C 236 12.18 -10.69 2.57
N ARG C 237 12.06 -10.88 3.89
CA ARG C 237 10.81 -11.36 4.46
C ARG C 237 9.88 -10.22 4.84
N ALA C 238 10.43 -9.12 5.33
CA ALA C 238 9.62 -8.01 5.83
C ALA C 238 9.06 -7.13 4.72
N ASN C 239 9.45 -7.35 3.47
CA ASN C 239 9.01 -6.53 2.35
C ASN C 239 8.30 -7.37 1.30
N SER C 240 7.42 -8.27 1.74
CA SER C 240 6.66 -9.11 0.80
C SER C 240 5.33 -9.48 1.44
N SER C 241 4.39 -9.91 0.59
CA SER C 241 3.05 -10.27 1.01
C SER C 241 2.64 -11.58 0.38
N PRO C 242 1.73 -12.32 1.03
CA PRO C 242 1.29 -13.62 0.47
C PRO C 242 0.49 -13.50 -0.81
N LYS C 243 -0.12 -12.34 -1.08
CA LYS C 243 -1.01 -12.21 -2.22
C LYS C 243 -0.26 -12.39 -3.54
N GLN C 244 0.95 -11.84 -3.63
CA GLN C 244 1.73 -11.97 -4.86
C GLN C 244 2.08 -13.43 -5.14
N ILE C 245 2.53 -14.15 -4.12
CA ILE C 245 2.88 -15.56 -4.28
C ILE C 245 1.65 -16.37 -4.67
N PHE C 246 0.51 -16.11 -4.00
CA PHE C 246 -0.71 -16.82 -4.33
C PHE C 246 -1.13 -16.54 -5.78
N ASP C 247 -1.01 -15.28 -6.22
CA ASP C 247 -1.38 -14.95 -7.58
C ASP C 247 -0.50 -15.69 -8.58
N LEU C 248 0.81 -15.76 -8.32
CA LEU C 248 1.69 -16.48 -9.24
C LEU C 248 1.36 -17.96 -9.31
N ILE C 249 1.14 -18.59 -8.14
CA ILE C 249 0.83 -20.02 -8.14
C ILE C 249 -0.50 -20.28 -8.82
N ASP C 250 -1.51 -19.46 -8.53
CA ASP C 250 -2.82 -19.63 -9.15
C ASP C 250 -2.74 -19.45 -10.66
N ASP C 251 -1.91 -18.50 -11.12
CA ASP C 251 -1.75 -18.29 -12.54
C ASP C 251 -1.13 -19.50 -13.20
N ILE C 252 -0.09 -20.07 -12.57
CA ILE C 252 0.53 -21.28 -13.09
C ILE C 252 -0.48 -22.43 -13.15
N TYR C 253 -1.28 -22.57 -12.09
CA TYR C 253 -2.29 -23.63 -12.06
C TYR C 253 -3.30 -23.47 -13.19
N SER C 254 -3.81 -22.25 -13.38
CA SER C 254 -4.82 -22.01 -14.41
C SER C 254 -4.27 -22.26 -15.81
N LEU C 255 -3.01 -21.87 -16.05
CA LEU C 255 -2.43 -22.10 -17.36
C LEU C 255 -2.38 -23.58 -17.70
N ILE C 256 -2.03 -24.41 -16.71
CA ILE C 256 -1.99 -25.86 -16.95
C ILE C 256 -3.39 -26.40 -17.21
N GLN C 257 -4.37 -25.95 -16.41
CA GLN C 257 -5.73 -26.46 -16.58
C GLN C 257 -6.30 -26.11 -17.94
N LEU C 258 -5.98 -24.92 -18.47
CA LEU C 258 -6.59 -24.48 -19.72
C LEU C 258 -6.23 -25.41 -20.87
N ASN C 259 -4.99 -25.85 -20.96
CA ASN C 259 -4.55 -26.73 -22.04
C ASN C 259 -4.33 -28.16 -21.59
N LEU C 260 -4.90 -28.55 -20.44
CA LEU C 260 -4.65 -29.89 -19.91
C LEU C 260 -5.31 -30.98 -20.75
N ASP C 261 -6.33 -30.62 -21.54
CA ASP C 261 -7.10 -31.51 -22.40
C ASP C 261 -7.92 -32.50 -21.59
N LYS C 262 -8.00 -32.32 -20.27
CA LYS C 262 -8.85 -33.14 -19.43
C LYS C 262 -10.24 -32.50 -19.37
N VAL C 263 -11.06 -32.90 -18.39
CA VAL C 263 -12.42 -32.38 -18.26
C VAL C 263 -12.39 -30.85 -18.30
N GLU C 264 -13.35 -30.28 -19.03
CA GLU C 264 -13.38 -28.84 -19.26
C GLU C 264 -13.66 -28.05 -18.00
N GLU C 265 -14.23 -28.67 -16.97
CA GLU C 265 -14.54 -27.99 -15.72
C GLU C 265 -13.26 -27.85 -14.90
N LEU C 266 -12.87 -26.62 -14.63
CA LEU C 266 -11.67 -26.32 -13.87
C LEU C 266 -12.06 -25.83 -12.48
N ASP C 267 -11.38 -26.36 -11.45
CA ASP C 267 -11.65 -25.99 -10.08
C ASP C 267 -10.85 -24.74 -9.73
N SER C 268 -11.55 -23.69 -9.33
CA SER C 268 -10.92 -22.41 -9.02
C SER C 268 -11.02 -22.14 -7.53
N ILE C 269 -9.90 -21.73 -6.93
CA ILE C 269 -9.83 -21.37 -5.52
C ILE C 269 -9.58 -19.87 -5.42
N GLU C 270 -10.33 -19.20 -4.54
CA GLU C 270 -10.20 -17.77 -4.35
C GLU C 270 -9.36 -17.48 -3.12
N PHE C 271 -8.45 -16.53 -3.25
CA PHE C 271 -7.64 -16.08 -2.11
C PHE C 271 -8.54 -15.42 -1.07
N ASP C 272 -8.24 -15.68 0.19
CA ASP C 272 -8.96 -15.08 1.31
C ASP C 272 -7.98 -14.35 2.20
N PHE C 273 -8.26 -13.08 2.48
CA PHE C 273 -7.39 -12.30 3.35
C PHE C 273 -7.52 -12.70 4.81
N GLN C 274 -8.50 -13.54 5.15
CA GLN C 274 -8.65 -14.04 6.51
C GLN C 274 -7.89 -15.33 6.76
N LYS C 275 -7.75 -16.17 5.74
CA LYS C 275 -7.02 -17.45 5.85
C LYS C 275 -6.04 -17.59 4.69
N PRO C 276 -4.97 -16.79 4.69
CA PRO C 276 -4.02 -16.87 3.55
C PRO C 276 -3.16 -18.12 3.56
N LEU C 277 -2.67 -18.54 4.73
CA LEU C 277 -1.83 -19.73 4.81
C LEU C 277 -2.60 -20.97 4.38
N THR C 278 -3.87 -21.07 4.78
CA THR C 278 -4.70 -22.21 4.38
C THR C 278 -4.84 -22.25 2.86
N LYS C 279 -5.11 -21.11 2.24
CA LYS C 279 -5.26 -21.07 0.79
C LYS C 279 -3.97 -21.43 0.08
N LEU C 280 -2.84 -20.93 0.59
CA LEU C 280 -1.54 -21.28 0.01
C LEU C 280 -1.29 -22.77 0.09
N ASN C 281 -1.57 -23.37 1.26
CA ASN C 281 -1.33 -24.81 1.43
C ASN C 281 -2.23 -25.62 0.51
N LEU C 282 -3.51 -25.26 0.42
CA LEU C 282 -4.42 -25.99 -0.47
C LEU C 282 -3.99 -25.87 -1.92
N LEU C 283 -3.60 -24.66 -2.35
CA LEU C 283 -3.18 -24.49 -3.74
C LEU C 283 -1.92 -25.30 -4.03
N ALA C 284 -0.95 -25.29 -3.10
CA ALA C 284 0.27 -26.06 -3.31
C ALA C 284 -0.04 -27.56 -3.36
N ASP C 285 -0.91 -28.05 -2.48
CA ASP C 285 -1.25 -29.46 -2.48
C ASP C 285 -1.95 -29.86 -3.78
N ARG C 286 -2.89 -29.04 -4.25
CA ARG C 286 -3.57 -29.35 -5.50
C ARG C 286 -2.60 -29.33 -6.67
N LEU C 287 -1.69 -28.36 -6.69
CA LEU C 287 -0.70 -28.30 -7.77
C LEU C 287 0.19 -29.52 -7.77
N LEU C 288 0.65 -29.96 -6.59
CA LEU C 288 1.47 -31.16 -6.51
C LEU C 288 0.70 -32.40 -6.95
N THR C 289 -0.57 -32.49 -6.55
CA THR C 289 -1.40 -33.64 -6.94
C THR C 289 -1.57 -33.69 -8.45
N LEU C 290 -1.80 -32.55 -9.08
CA LEU C 290 -1.94 -32.54 -10.54
C LEU C 290 -0.60 -32.80 -11.22
N CYS C 291 0.50 -32.34 -10.63
CA CYS C 291 1.80 -32.50 -11.26
C CYS C 291 2.31 -33.94 -11.17
N GLU C 292 1.95 -34.66 -10.11
CA GLU C 292 2.41 -36.04 -9.98
C GLU C 292 1.85 -36.92 -11.10
N TYR C 293 0.72 -36.52 -11.69
CA TYR C 293 0.13 -37.23 -12.83
C TYR C 293 -0.13 -38.70 -12.52
#